data_4KLB
#
_entry.id   4KLB
#
_cell.length_a   138.720
_cell.length_b   138.720
_cell.length_c   163.580
_cell.angle_alpha   90.000
_cell.angle_beta   90.000
_cell.angle_gamma   90.000
#
_symmetry.space_group_name_H-M   'P 43 21 2'
#
loop_
_entity.id
_entity.type
_entity.pdbx_description
1 polymer Cruzipain
2 non-polymer 2-{[(1H-1,2,4-triazol-5-ylsulfanyl)acetyl]amino}thiophene-3-carboxamide
3 water water
#
_entity_poly.entity_id   1
_entity_poly.type   'polypeptide(L)'
_entity_poly.pdbx_seq_one_letter_code
;APAAVDWRARGAVTAVKDQGQCGSCWAFSAIGNVECQWFLAGHPLTNLSEQMLVSCDKTDSGCSGGLMNNAFEWIVQENN
GAVYTEDSYPYASGEGISPPCTTSGHTVGATITGHVELPQDEAQIAAWLAVNGPVAVAVDASSWMTYTGGVMTSCVSEQL
DHGVLLVGYNDSAAVPYWIIKNSWTTQWGEEGYIRIAKGSNQCLVKEEASSAVVG
;
_entity_poly.pdbx_strand_id   A,B,C,D,E
#
# COMPACT_ATOMS: atom_id res chain seq x y z
N ALA A 1 -5.86 -11.54 -17.49
CA ALA A 1 -6.03 -10.29 -18.19
C ALA A 1 -7.18 -10.39 -19.20
N PRO A 2 -8.13 -9.44 -19.12
CA PRO A 2 -9.32 -9.35 -19.97
C PRO A 2 -9.05 -9.40 -21.47
N ALA A 3 -10.08 -9.67 -22.25
CA ALA A 3 -9.97 -9.75 -23.71
C ALA A 3 -9.85 -8.35 -24.33
N ALA A 4 -10.42 -7.36 -23.64
CA ALA A 4 -10.41 -5.99 -24.12
C ALA A 4 -10.51 -5.01 -22.95
N VAL A 5 -9.78 -3.91 -23.07
CA VAL A 5 -9.78 -2.88 -22.05
C VAL A 5 -9.79 -1.56 -22.77
N ASP A 6 -10.68 -0.67 -22.33
CA ASP A 6 -10.76 0.70 -22.84
C ASP A 6 -11.06 1.64 -21.70
N TRP A 7 -10.03 2.33 -21.21
CA TRP A 7 -10.21 3.17 -20.04
C TRP A 7 -11.04 4.42 -20.32
N ARG A 8 -11.31 4.70 -21.60
CA ARG A 8 -12.21 5.81 -21.93
C ARG A 8 -13.61 5.51 -21.47
N ALA A 9 -13.99 4.24 -21.57
CA ALA A 9 -15.32 3.79 -21.19
C ALA A 9 -15.51 3.86 -19.68
N ARG A 10 -14.41 3.91 -18.95
CA ARG A 10 -14.50 3.98 -17.50
C ARG A 10 -14.39 5.42 -17.05
N GLY A 11 -14.28 6.33 -18.02
CA GLY A 11 -14.25 7.76 -17.76
C GLY A 11 -12.94 8.23 -17.17
N ALA A 12 -11.85 7.52 -17.49
CA ALA A 12 -10.57 7.77 -16.84
C ALA A 12 -9.66 8.66 -17.67
N VAL A 13 -10.11 9.02 -18.88
CA VAL A 13 -9.28 9.76 -19.82
C VAL A 13 -9.85 11.13 -20.20
N THR A 14 -9.00 12.17 -20.13
CA THR A 14 -9.44 13.52 -20.49
C THR A 14 -9.63 13.65 -22.01
N ALA A 15 -10.24 14.76 -22.44
CA ALA A 15 -10.42 15.03 -23.87
C ALA A 15 -9.06 15.14 -24.55
N VAL A 16 -9.05 14.90 -25.85
CA VAL A 16 -7.84 14.99 -26.66
C VAL A 16 -7.36 16.44 -26.72
N LYS A 17 -6.05 16.64 -26.63
CA LYS A 17 -5.47 17.99 -26.65
C LYS A 17 -4.66 18.24 -27.94
N ASP A 18 -4.02 19.41 -28.03
CA ASP A 18 -3.27 19.81 -29.22
C ASP A 18 -1.88 20.34 -28.82
N GLN A 19 -0.84 19.57 -29.11
CA GLN A 19 0.50 20.02 -28.77
C GLN A 19 0.91 21.20 -29.66
N GLY A 20 0.22 21.33 -30.79
CA GLY A 20 0.49 22.42 -31.70
C GLY A 20 1.83 22.28 -32.35
N GLN A 21 2.51 23.40 -32.57
CA GLN A 21 3.75 23.41 -33.31
C GLN A 21 4.93 23.30 -32.36
N CYS A 22 4.92 22.24 -31.56
CA CYS A 22 5.88 22.10 -30.49
C CYS A 22 6.25 20.61 -30.29
N GLY A 23 7.53 20.31 -30.06
CA GLY A 23 7.92 18.94 -29.77
C GLY A 23 7.68 18.62 -28.29
N SER A 24 6.46 18.84 -27.85
CA SER A 24 6.11 18.68 -26.45
C SER A 24 5.28 17.42 -26.22
N CYS A 25 5.27 16.54 -27.22
CA CYS A 25 4.52 15.29 -27.12
C CYS A 25 4.92 14.47 -25.86
N TRP A 26 6.19 14.56 -25.46
CA TRP A 26 6.65 13.86 -24.27
C TRP A 26 5.93 14.40 -23.01
N ALA A 27 5.58 15.68 -23.02
CA ALA A 27 4.90 16.23 -21.87
C ALA A 27 3.41 15.84 -21.85
N PHE A 28 2.79 15.77 -23.03
CA PHE A 28 1.39 15.36 -23.13
C PHE A 28 1.25 13.90 -22.78
N SER A 29 2.25 13.11 -23.17
CA SER A 29 2.25 11.69 -22.84
C SER A 29 2.30 11.52 -21.32
N ALA A 30 3.25 12.20 -20.69
CA ALA A 30 3.45 12.06 -19.25
C ALA A 30 2.27 12.60 -18.46
N ILE A 31 1.77 13.77 -18.86
CA ILE A 31 0.68 14.42 -18.15
C ILE A 31 -0.62 13.64 -18.29
N GLY A 32 -0.86 13.12 -19.50
CA GLY A 32 -2.03 12.32 -19.75
C GLY A 32 -2.02 11.09 -18.87
N ASN A 33 -0.84 10.51 -18.72
CA ASN A 33 -0.70 9.39 -17.82
C ASN A 33 -1.03 9.77 -16.37
N VAL A 34 -0.54 10.92 -15.92
CA VAL A 34 -0.77 11.29 -14.53
C VAL A 34 -2.25 11.62 -14.31
N GLU A 35 -2.88 12.25 -15.29
CA GLU A 35 -4.30 12.59 -15.19
C GLU A 35 -5.13 11.35 -14.90
N CYS A 36 -4.89 10.29 -15.64
CA CYS A 36 -5.62 9.04 -15.46
C CYS A 36 -5.34 8.35 -14.13
N GLN A 37 -4.07 8.34 -13.73
CA GLN A 37 -3.70 7.70 -12.46
C GLN A 37 -4.37 8.40 -11.29
N TRP A 38 -4.45 9.72 -11.36
CA TRP A 38 -5.06 10.52 -10.31
C TRP A 38 -6.54 10.17 -10.18
N PHE A 39 -7.20 10.06 -11.32
CA PHE A 39 -8.59 9.63 -11.33
C PHE A 39 -8.74 8.22 -10.73
N LEU A 40 -7.88 7.28 -11.12
CA LEU A 40 -8.01 5.92 -10.64
C LEU A 40 -7.64 5.72 -9.16
N ALA A 41 -7.00 6.72 -8.55
CA ALA A 41 -6.71 6.67 -7.13
C ALA A 41 -7.90 7.21 -6.34
N GLY A 42 -8.94 7.62 -7.08
CA GLY A 42 -10.19 8.04 -6.48
C GLY A 42 -10.47 9.53 -6.45
N HIS A 43 -9.77 10.28 -7.30
CA HIS A 43 -9.96 11.73 -7.34
C HIS A 43 -10.64 12.11 -8.66
N PRO A 44 -11.24 13.31 -8.72
CA PRO A 44 -11.92 13.70 -9.97
C PRO A 44 -10.98 13.75 -11.17
N LEU A 45 -11.51 13.46 -12.35
CA LEU A 45 -10.73 13.60 -13.58
C LEU A 45 -10.46 15.09 -13.86
N THR A 46 -9.18 15.40 -13.99
CA THR A 46 -8.73 16.79 -14.05
C THR A 46 -7.77 17.06 -15.19
N ASN A 47 -7.94 18.16 -15.89
CA ASN A 47 -6.91 18.54 -16.86
C ASN A 47 -5.69 19.05 -16.11
N LEU A 48 -4.54 18.47 -16.42
CA LEU A 48 -3.30 18.88 -15.79
C LEU A 48 -2.40 19.63 -16.81
N SER A 49 -1.34 20.26 -16.32
CA SER A 49 -0.53 21.18 -17.14
C SER A 49 0.69 20.58 -17.83
N GLU A 50 0.64 20.47 -19.15
CA GLU A 50 1.83 20.17 -19.94
C GLU A 50 2.81 21.33 -19.87
N GLN A 51 2.28 22.55 -19.84
CA GLN A 51 3.12 23.74 -19.83
C GLN A 51 4.09 23.79 -18.67
N MET A 52 3.66 23.25 -17.53
CA MET A 52 4.53 23.13 -16.37
C MET A 52 5.78 22.39 -16.75
N LEU A 53 5.62 21.33 -17.52
CA LEU A 53 6.80 20.58 -17.93
C LEU A 53 7.64 21.28 -18.98
N VAL A 54 7.01 21.84 -20.00
CA VAL A 54 7.77 22.45 -21.09
C VAL A 54 8.62 23.62 -20.62
N SER A 55 8.11 24.37 -19.65
CA SER A 55 8.78 25.57 -19.13
C SER A 55 9.73 25.33 -17.96
N CYS A 56 9.37 24.41 -17.05
CA CYS A 56 10.06 24.29 -15.77
C CYS A 56 11.00 23.12 -15.63
N ASP A 57 10.86 22.15 -16.52
CA ASP A 57 11.62 20.91 -16.44
C ASP A 57 12.91 21.07 -17.23
N LYS A 58 14.03 21.21 -16.53
CA LYS A 58 15.27 21.57 -17.21
C LYS A 58 15.92 20.33 -17.77
N THR A 59 15.49 19.18 -17.27
CA THR A 59 16.07 17.92 -17.71
C THR A 59 15.60 17.54 -19.10
N ASP A 60 14.45 18.08 -19.50
CA ASP A 60 14.05 17.83 -20.86
C ASP A 60 14.24 19.13 -21.66
N SER A 61 13.84 19.13 -22.92
CA SER A 61 14.21 20.23 -23.78
C SER A 61 13.02 20.97 -24.37
N GLY A 62 11.99 21.20 -23.56
CA GLY A 62 10.83 21.98 -23.97
C GLY A 62 10.25 21.61 -25.33
N CYS A 63 10.18 22.59 -26.22
CA CYS A 63 9.59 22.32 -27.53
C CYS A 63 10.49 21.51 -28.44
N SER A 64 11.71 21.24 -27.99
CA SER A 64 12.67 20.48 -28.79
C SER A 64 12.61 18.97 -28.49
N GLY A 65 11.86 18.58 -27.46
CA GLY A 65 11.71 17.17 -27.10
C GLY A 65 12.07 16.84 -25.65
N GLY A 66 11.88 15.58 -25.27
CA GLY A 66 12.16 15.12 -23.92
C GLY A 66 11.76 13.67 -23.69
N LEU A 67 11.88 13.17 -22.45
CA LEU A 67 11.43 11.81 -22.12
C LEU A 67 10.43 11.79 -21.00
N MET A 68 9.40 10.97 -21.16
CA MET A 68 8.37 10.86 -20.12
C MET A 68 8.98 10.43 -18.78
N ASN A 69 9.97 9.54 -18.84
CA ASN A 69 10.65 9.11 -17.62
C ASN A 69 11.38 10.23 -16.91
N ASN A 70 12.01 11.10 -17.70
CA ASN A 70 12.67 12.28 -17.15
C ASN A 70 11.67 13.22 -16.53
N ALA A 71 10.51 13.34 -17.18
CA ALA A 71 9.46 14.20 -16.68
C ALA A 71 8.95 13.69 -15.33
N PHE A 72 8.72 12.39 -15.24
CA PHE A 72 8.22 11.80 -14.00
C PHE A 72 9.26 12.01 -12.90
N GLU A 73 10.53 11.88 -13.25
CA GLU A 73 11.61 12.02 -12.28
C GLU A 73 11.71 13.45 -11.85
N TRP A 74 11.52 14.36 -12.80
CA TRP A 74 11.54 15.78 -12.49
C TRP A 74 10.40 16.18 -11.57
N ILE A 75 9.21 15.68 -11.84
CA ILE A 75 8.08 16.04 -11.01
C ILE A 75 8.32 15.65 -9.55
N VAL A 76 8.90 14.47 -9.35
CA VAL A 76 9.04 14.01 -7.99
C VAL A 76 10.24 14.66 -7.32
N GLN A 77 11.35 14.75 -8.01
CA GLN A 77 12.56 15.22 -7.35
C GLN A 77 12.73 16.74 -7.38
N GLU A 78 12.16 17.42 -8.35
CA GLU A 78 12.39 18.86 -8.46
C GLU A 78 11.14 19.68 -8.11
N ASN A 79 9.99 19.04 -8.12
CA ASN A 79 8.76 19.77 -7.96
C ASN A 79 7.87 19.22 -6.84
N ASN A 80 8.47 18.48 -5.91
CA ASN A 80 7.74 17.90 -4.78
C ASN A 80 6.57 16.95 -5.11
N GLY A 81 6.62 16.31 -6.26
CA GLY A 81 5.54 15.44 -6.69
C GLY A 81 4.36 16.23 -7.23
N ALA A 82 4.50 17.55 -7.36
CA ALA A 82 3.38 18.42 -7.73
C ALA A 82 3.15 18.48 -9.24
N VAL A 83 1.90 18.35 -9.64
CA VAL A 83 1.51 18.54 -11.04
C VAL A 83 0.38 19.56 -11.06
N TYR A 84 0.58 20.66 -11.74
CA TYR A 84 -0.42 21.73 -11.73
C TYR A 84 -1.65 21.42 -12.60
N THR A 85 -2.75 22.10 -12.32
CA THR A 85 -3.93 22.05 -13.19
C THR A 85 -3.67 22.84 -14.48
N GLU A 86 -4.28 22.41 -15.58
CA GLU A 86 -4.16 23.17 -16.84
C GLU A 86 -4.84 24.52 -16.67
N ASP A 87 -5.89 24.53 -15.88
CA ASP A 87 -6.65 25.73 -15.62
C ASP A 87 -5.77 26.86 -15.04
N SER A 88 -4.85 26.54 -14.15
CA SER A 88 -4.05 27.57 -13.50
C SER A 88 -2.66 27.72 -14.11
N TYR A 89 -2.34 26.86 -15.08
CA TYR A 89 -1.05 26.94 -15.80
C TYR A 89 -1.27 26.44 -17.22
N PRO A 90 -1.98 27.24 -18.03
CA PRO A 90 -2.44 26.76 -19.33
C PRO A 90 -1.34 26.60 -20.38
N TYR A 91 -1.65 25.82 -21.40
CA TYR A 91 -0.70 25.58 -22.47
C TYR A 91 -0.56 26.82 -23.33
N ALA A 92 0.67 27.20 -23.60
CA ALA A 92 0.96 28.44 -24.30
C ALA A 92 2.06 28.27 -25.35
N SER A 93 2.43 27.04 -25.64
CA SER A 93 3.53 26.78 -26.56
C SER A 93 3.07 26.20 -27.89
N GLY A 94 1.78 26.36 -28.19
CA GLY A 94 1.23 25.88 -29.44
C GLY A 94 1.91 26.52 -30.66
N GLU A 95 2.50 27.70 -30.46
CA GLU A 95 3.14 28.40 -31.57
C GLU A 95 4.65 28.20 -31.61
N GLY A 96 5.19 27.47 -30.64
CA GLY A 96 6.59 27.11 -30.64
C GLY A 96 7.46 27.86 -29.65
N ILE A 97 6.89 28.85 -28.98
CA ILE A 97 7.66 29.61 -27.99
C ILE A 97 7.17 29.33 -26.57
N SER A 98 8.09 28.84 -25.76
CA SER A 98 7.79 28.44 -24.40
C SER A 98 8.09 29.59 -23.43
N PRO A 99 7.05 30.07 -22.72
CA PRO A 99 7.17 31.06 -21.64
C PRO A 99 8.14 30.63 -20.55
N PRO A 100 8.62 31.57 -19.75
CA PRO A 100 9.51 31.11 -18.68
C PRO A 100 8.75 30.60 -17.45
N CYS A 101 9.47 29.82 -16.64
CA CYS A 101 8.88 29.12 -15.51
C CYS A 101 8.35 30.11 -14.50
N THR A 102 7.12 29.90 -14.04
CA THR A 102 6.60 30.66 -12.92
C THR A 102 6.23 29.69 -11.83
N THR A 103 6.33 30.13 -10.58
CA THR A 103 6.17 29.23 -9.43
C THR A 103 5.40 29.86 -8.27
N SER A 104 4.50 30.78 -8.58
CA SER A 104 3.72 31.44 -7.54
C SER A 104 2.25 31.24 -7.75
N GLY A 105 1.62 30.59 -6.78
CA GLY A 105 0.18 30.52 -6.75
C GLY A 105 -0.47 29.50 -7.65
N HIS A 106 0.30 28.71 -8.38
CA HIS A 106 -0.32 27.70 -9.26
C HIS A 106 -1.06 26.66 -8.41
N THR A 107 -2.05 26.01 -8.99
CA THR A 107 -2.83 25.03 -8.25
C THR A 107 -2.35 23.62 -8.53
N VAL A 108 -2.06 22.87 -7.45
CA VAL A 108 -1.69 21.47 -7.56
C VAL A 108 -2.90 20.64 -7.93
N GLY A 109 -2.85 20.02 -9.10
CA GLY A 109 -3.97 19.22 -9.55
C GLY A 109 -3.77 17.75 -9.24
N ALA A 110 -2.54 17.38 -8.90
CA ALA A 110 -2.23 16.00 -8.53
C ALA A 110 -0.86 15.94 -7.89
N THR A 111 -0.69 14.92 -7.06
CA THR A 111 0.57 14.66 -6.37
C THR A 111 0.99 13.24 -6.67
N ILE A 112 2.20 13.07 -7.16
CA ILE A 112 2.71 11.73 -7.43
C ILE A 112 3.93 11.43 -6.55
N THR A 113 4.28 10.16 -6.39
CA THR A 113 5.42 9.84 -5.53
C THR A 113 6.54 9.11 -6.25
N GLY A 114 6.30 8.73 -7.50
CA GLY A 114 7.32 8.04 -8.25
C GLY A 114 6.79 7.53 -9.56
N HIS A 115 7.54 6.64 -10.20
CA HIS A 115 7.08 6.07 -11.46
C HIS A 115 7.72 4.74 -11.70
N VAL A 116 7.07 3.91 -12.51
CA VAL A 116 7.62 2.61 -12.84
C VAL A 116 7.80 2.46 -14.33
N GLU A 117 8.79 1.66 -14.71
CA GLU A 117 9.00 1.26 -16.09
C GLU A 117 8.50 -0.19 -16.30
N LEU A 118 7.98 -0.45 -17.49
CA LEU A 118 7.45 -1.74 -17.84
C LEU A 118 8.41 -2.46 -18.78
N PRO A 119 8.38 -3.79 -18.78
CA PRO A 119 9.25 -4.55 -19.69
C PRO A 119 8.93 -4.26 -21.15
N GLN A 120 9.89 -4.57 -22.01
CA GLN A 120 9.70 -4.43 -23.45
C GLN A 120 8.94 -5.64 -23.99
N ASP A 121 7.68 -5.70 -23.62
CA ASP A 121 6.86 -6.88 -23.80
C ASP A 121 5.37 -6.51 -23.80
N GLU A 122 4.73 -6.65 -24.96
CA GLU A 122 3.35 -6.22 -25.13
C GLU A 122 2.37 -6.94 -24.21
N ALA A 123 2.58 -8.25 -23.98
CA ALA A 123 1.59 -8.96 -23.17
C ALA A 123 1.70 -8.48 -21.72
N GLN A 124 2.91 -8.14 -21.30
CA GLN A 124 3.14 -7.73 -19.92
C GLN A 124 2.66 -6.30 -19.73
N ILE A 125 2.79 -5.50 -20.79
CA ILE A 125 2.26 -4.14 -20.76
C ILE A 125 0.74 -4.19 -20.65
N ALA A 126 0.12 -5.08 -21.41
CA ALA A 126 -1.33 -5.24 -21.36
C ALA A 126 -1.78 -5.69 -19.99
N ALA A 127 -1.02 -6.57 -19.36
CA ALA A 127 -1.43 -7.08 -18.03
C ALA A 127 -1.43 -5.95 -17.00
N TRP A 128 -0.39 -5.11 -17.04
CA TRP A 128 -0.32 -3.95 -16.15
C TRP A 128 -1.42 -2.95 -16.43
N LEU A 129 -1.62 -2.68 -17.73
CA LEU A 129 -2.60 -1.70 -18.13
C LEU A 129 -4.01 -2.08 -17.72
N ALA A 130 -4.32 -3.36 -17.84
CA ALA A 130 -5.67 -3.83 -17.58
C ALA A 130 -5.98 -3.63 -16.11
N VAL A 131 -4.96 -3.73 -15.27
CA VAL A 131 -5.13 -3.52 -13.85
C VAL A 131 -4.93 -2.07 -13.41
N ASN A 132 -3.93 -1.38 -13.95
CA ASN A 132 -3.50 -0.14 -13.33
C ASN A 132 -3.76 1.14 -14.13
N GLY A 133 -4.27 0.99 -15.35
CA GLY A 133 -4.69 2.14 -16.13
C GLY A 133 -3.74 2.49 -17.26
N PRO A 134 -4.06 3.55 -18.03
CA PRO A 134 -3.28 3.94 -19.21
C PRO A 134 -1.79 4.14 -18.95
N VAL A 135 -0.99 3.78 -19.96
CA VAL A 135 0.47 3.73 -19.87
C VAL A 135 1.09 4.73 -20.86
N ALA A 136 2.07 5.50 -20.40
CA ALA A 136 2.82 6.37 -21.30
C ALA A 136 3.80 5.58 -22.13
N VAL A 137 3.72 5.70 -23.45
CA VAL A 137 4.63 4.97 -24.35
C VAL A 137 5.23 5.89 -25.42
N ALA A 138 6.40 5.50 -25.89
CA ALA A 138 7.05 6.19 -27.00
C ALA A 138 6.82 5.40 -28.27
N VAL A 139 6.59 6.09 -29.38
CA VAL A 139 6.40 5.35 -30.62
C VAL A 139 7.22 5.96 -31.73
N ASP A 140 7.40 5.19 -32.79
CA ASP A 140 7.82 5.71 -34.07
C ASP A 140 6.54 6.19 -34.74
N ALA A 141 6.42 7.50 -34.94
CA ALA A 141 5.22 8.04 -35.54
C ALA A 141 5.45 8.63 -36.95
N SER A 142 6.54 8.24 -37.59
CA SER A 142 6.90 8.85 -38.88
C SER A 142 5.90 8.48 -39.97
N SER A 143 5.18 7.38 -39.81
CA SER A 143 4.21 7.02 -40.83
C SER A 143 2.77 7.37 -40.40
N TRP A 144 2.64 8.27 -39.43
CA TRP A 144 1.33 8.59 -38.84
C TRP A 144 0.65 9.82 -39.46
N MET A 145 1.38 10.58 -40.27
CA MET A 145 0.89 11.87 -40.75
C MET A 145 -0.36 11.75 -41.62
N THR A 146 -0.52 10.62 -42.30
CA THR A 146 -1.63 10.42 -43.23
C THR A 146 -2.80 9.61 -42.65
N TYR A 147 -2.69 9.20 -41.38
CA TYR A 147 -3.68 8.30 -40.78
C TYR A 147 -5.06 8.94 -40.63
N THR A 148 -6.09 8.19 -40.99
CA THR A 148 -7.46 8.70 -40.90
C THR A 148 -8.40 7.70 -40.27
N GLY A 149 -7.91 6.48 -40.05
CA GLY A 149 -8.75 5.48 -39.43
C GLY A 149 -8.30 4.07 -39.74
N GLY A 150 -8.92 3.13 -39.05
CA GLY A 150 -8.60 1.72 -39.20
C GLY A 150 -7.49 1.30 -38.27
N VAL A 151 -7.22 -0.01 -38.26
CA VAL A 151 -6.14 -0.58 -37.45
C VAL A 151 -4.86 -0.61 -38.26
N MET A 152 -3.88 0.21 -37.89
CA MET A 152 -2.61 0.26 -38.63
C MET A 152 -1.77 -1.01 -38.46
N THR A 153 -1.38 -1.61 -39.58
CA THR A 153 -0.70 -2.91 -39.55
C THR A 153 0.67 -2.91 -40.22
N SER A 154 1.05 -1.82 -40.88
CA SER A 154 2.37 -1.76 -41.48
C SER A 154 3.01 -0.44 -41.12
N CYS A 155 2.99 -0.15 -39.83
CA CYS A 155 3.58 1.04 -39.25
C CYS A 155 5.12 0.99 -39.36
N VAL A 156 5.74 2.10 -39.75
CA VAL A 156 7.20 2.21 -39.75
C VAL A 156 7.72 2.09 -38.33
N SER A 157 8.51 1.06 -38.06
CA SER A 157 8.91 0.78 -36.68
C SER A 157 10.41 0.80 -36.51
N GLU A 158 11.01 1.99 -36.67
CA GLU A 158 12.46 2.10 -36.76
C GLU A 158 13.10 2.96 -35.68
N GLN A 159 12.53 4.11 -35.39
CA GLN A 159 13.10 4.99 -34.40
C GLN A 159 12.03 5.74 -33.60
N LEU A 160 12.19 5.74 -32.28
CA LEU A 160 11.31 6.49 -31.39
C LEU A 160 11.47 8.00 -31.59
N ASP A 161 10.34 8.67 -31.82
CA ASP A 161 10.35 10.11 -31.96
C ASP A 161 9.11 10.76 -31.34
N HIS A 162 8.22 9.94 -30.78
CA HIS A 162 6.95 10.51 -30.36
C HIS A 162 6.34 9.84 -29.09
N GLY A 163 5.86 10.67 -28.17
CA GLY A 163 5.25 10.22 -26.94
C GLY A 163 3.73 10.27 -26.96
N VAL A 164 3.09 9.17 -26.57
CA VAL A 164 1.64 9.08 -26.58
C VAL A 164 1.14 8.31 -25.38
N LEU A 165 -0.17 8.04 -25.35
CA LEU A 165 -0.78 7.33 -24.21
C LEU A 165 -1.59 6.09 -24.63
N LEU A 166 -1.17 4.93 -24.16
CA LEU A 166 -1.99 3.71 -24.30
C LEU A 166 -3.16 3.72 -23.33
N VAL A 167 -4.37 3.69 -23.86
CA VAL A 167 -5.54 3.73 -23.00
C VAL A 167 -6.28 2.41 -23.01
N GLY A 168 -5.85 1.50 -23.87
CA GLY A 168 -6.52 0.21 -23.95
C GLY A 168 -6.08 -0.67 -25.09
N TYR A 169 -6.76 -1.82 -25.20
CA TYR A 169 -6.48 -2.82 -26.23
C TYR A 169 -7.70 -3.69 -26.44
N ASN A 170 -7.69 -4.41 -27.54
CA ASN A 170 -8.74 -5.37 -27.85
C ASN A 170 -8.12 -6.63 -28.43
N ASP A 171 -8.10 -7.70 -27.65
CA ASP A 171 -7.50 -8.95 -28.12
C ASP A 171 -8.49 -9.84 -28.89
N SER A 172 -9.77 -9.50 -28.81
CA SER A 172 -10.84 -10.30 -29.40
C SER A 172 -11.08 -10.02 -30.88
N ALA A 173 -10.67 -8.85 -31.32
CA ALA A 173 -10.88 -8.46 -32.72
C ALA A 173 -10.17 -9.39 -33.69
N ALA A 174 -10.57 -9.30 -34.96
CA ALA A 174 -9.96 -10.07 -36.04
C ALA A 174 -8.46 -9.81 -36.05
N VAL A 175 -8.11 -8.52 -36.13
CA VAL A 175 -6.75 -8.03 -35.90
C VAL A 175 -6.70 -7.32 -34.56
N PRO A 176 -6.10 -7.96 -33.55
CA PRO A 176 -6.01 -7.34 -32.22
C PRO A 176 -5.27 -6.00 -32.27
N TYR A 177 -5.71 -5.03 -31.47
CA TYR A 177 -5.13 -3.70 -31.53
C TYR A 177 -4.95 -3.01 -30.19
N TRP A 178 -4.04 -2.04 -30.18
CA TRP A 178 -3.92 -1.10 -29.09
C TRP A 178 -4.81 0.11 -29.39
N ILE A 179 -5.27 0.81 -28.34
CA ILE A 179 -5.97 2.07 -28.51
C ILE A 179 -5.08 3.17 -27.96
N ILE A 180 -4.75 4.14 -28.79
CA ILE A 180 -3.73 5.13 -28.45
C ILE A 180 -4.24 6.55 -28.56
N LYS A 181 -4.09 7.32 -27.47
CA LYS A 181 -4.48 8.72 -27.47
C LYS A 181 -3.35 9.60 -27.99
N ASN A 182 -3.64 10.36 -29.05
CA ASN A 182 -2.62 11.26 -29.55
C ASN A 182 -2.91 12.69 -29.10
N SER A 183 -1.99 13.59 -29.35
CA SER A 183 -2.17 14.97 -28.99
C SER A 183 -2.14 15.85 -30.24
N TRP A 184 -2.87 15.42 -31.27
CA TRP A 184 -2.95 16.15 -32.54
C TRP A 184 -4.37 16.59 -32.90
N THR A 185 -5.10 17.14 -31.93
CA THR A 185 -6.52 17.53 -32.05
C THR A 185 -7.43 16.34 -32.36
N THR A 186 -8.75 16.57 -32.37
CA THR A 186 -9.69 15.50 -32.70
C THR A 186 -9.86 15.32 -34.20
N GLN A 187 -9.22 16.17 -35.00
CA GLN A 187 -9.39 16.09 -36.45
C GLN A 187 -8.50 15.02 -37.06
N TRP A 188 -7.45 14.67 -36.34
CA TRP A 188 -6.52 13.64 -36.77
C TRP A 188 -6.99 12.25 -36.32
N GLY A 189 -6.69 11.22 -37.12
CA GLY A 189 -7.03 9.85 -36.78
C GLY A 189 -8.50 9.62 -36.49
N GLU A 190 -8.80 8.67 -35.60
CA GLU A 190 -10.16 8.37 -35.19
C GLU A 190 -10.56 9.21 -34.00
N GLU A 191 -11.03 10.42 -34.27
CA GLU A 191 -11.46 11.38 -33.26
C GLU A 191 -10.32 11.67 -32.29
N GLY A 192 -9.11 11.74 -32.85
CA GLY A 192 -7.88 12.04 -32.14
C GLY A 192 -7.12 10.81 -31.66
N TYR A 193 -7.71 9.62 -31.85
CA TYR A 193 -7.10 8.35 -31.44
C TYR A 193 -6.64 7.53 -32.65
N ILE A 194 -5.81 6.54 -32.39
CA ILE A 194 -5.33 5.64 -33.42
C ILE A 194 -5.28 4.20 -32.90
N ARG A 195 -5.56 3.25 -33.78
CA ARG A 195 -5.43 1.84 -33.46
C ARG A 195 -4.29 1.25 -34.25
N ILE A 196 -3.33 0.65 -33.56
CA ILE A 196 -2.24 -0.05 -34.22
C ILE A 196 -2.31 -1.52 -33.82
N ALA A 197 -1.84 -2.42 -34.69
CA ALA A 197 -1.96 -3.84 -34.40
C ALA A 197 -1.16 -4.19 -33.17
N LYS A 198 -1.66 -5.15 -32.40
CA LYS A 198 -1.05 -5.53 -31.14
C LYS A 198 -0.36 -6.89 -31.26
N GLY A 199 0.89 -6.97 -30.84
CA GLY A 199 1.59 -8.25 -30.85
C GLY A 199 2.72 -8.33 -31.87
N SER A 200 2.96 -7.23 -32.60
CA SER A 200 3.99 -7.23 -33.64
C SER A 200 4.89 -6.02 -33.47
N ASN A 201 4.78 -5.40 -32.30
CA ASN A 201 5.59 -4.24 -31.94
C ASN A 201 5.48 -3.11 -32.96
N GLN A 202 4.26 -2.90 -33.46
CA GLN A 202 3.96 -1.77 -34.30
C GLN A 202 4.45 -0.47 -33.68
N CYS A 203 5.21 0.30 -34.47
CA CYS A 203 5.71 1.61 -34.07
C CYS A 203 6.62 1.52 -32.86
N LEU A 204 7.19 0.34 -32.64
CA LEU A 204 8.07 0.11 -31.48
C LEU A 204 7.32 0.45 -30.18
N VAL A 205 6.03 0.13 -30.12
CA VAL A 205 5.18 0.55 -29.01
C VAL A 205 5.62 -0.06 -27.66
N LYS A 206 6.34 -1.18 -27.68
CA LYS A 206 6.74 -1.81 -26.44
C LYS A 206 8.06 -1.32 -25.87
N GLU A 207 8.77 -0.46 -26.60
CA GLU A 207 10.18 -0.20 -26.23
C GLU A 207 10.37 0.68 -25.01
N GLU A 208 9.48 1.64 -24.78
CA GLU A 208 9.69 2.60 -23.68
C GLU A 208 8.38 2.97 -22.99
N ALA A 209 7.80 1.97 -22.31
CA ALA A 209 6.53 2.13 -21.60
C ALA A 209 6.81 2.31 -20.09
N SER A 210 6.14 3.28 -19.51
CA SER A 210 6.31 3.60 -18.10
C SER A 210 5.02 4.22 -17.54
N SER A 211 4.94 4.42 -16.23
CA SER A 211 3.77 5.08 -15.66
C SER A 211 4.06 5.78 -14.35
N ALA A 212 3.42 6.91 -14.13
CA ALA A 212 3.52 7.56 -12.82
C ALA A 212 2.81 6.74 -11.74
N VAL A 213 3.33 6.83 -10.52
CA VAL A 213 2.74 6.21 -9.35
C VAL A 213 2.23 7.28 -8.40
N VAL A 214 0.95 7.24 -8.08
CA VAL A 214 0.32 8.26 -7.22
C VAL A 214 0.53 8.06 -5.71
N GLY A 215 0.67 9.16 -4.98
CA GLY A 215 0.67 9.17 -3.52
C GLY A 215 -0.01 10.41 -2.93
N ALA B 1 -6.47 -35.78 -9.10
CA ALA B 1 -5.11 -35.25 -9.01
C ALA B 1 -4.08 -36.29 -9.47
N PRO B 2 -3.19 -35.89 -10.38
CA PRO B 2 -2.12 -36.69 -10.97
C PRO B 2 -1.25 -37.38 -9.92
N ALA B 3 -0.54 -38.44 -10.30
CA ALA B 3 0.27 -39.20 -9.34
C ALA B 3 1.54 -38.46 -8.95
N ALA B 4 2.02 -37.62 -9.84
CA ALA B 4 3.25 -36.86 -9.59
C ALA B 4 3.30 -35.57 -10.43
N VAL B 5 3.82 -34.51 -9.83
CA VAL B 5 3.99 -33.23 -10.52
C VAL B 5 5.31 -32.65 -10.06
N ASP B 6 6.08 -32.12 -10.99
CA ASP B 6 7.31 -31.42 -10.66
C ASP B 6 7.41 -30.21 -11.55
N TRP B 7 7.10 -29.05 -11.00
CA TRP B 7 7.06 -27.83 -11.79
C TRP B 7 8.43 -27.34 -12.25
N ARG B 8 9.49 -27.91 -11.68
CA ARG B 8 10.84 -27.63 -12.15
C ARG B 8 11.03 -28.15 -13.57
N ALA B 9 10.45 -29.30 -13.84
CA ALA B 9 10.64 -29.93 -15.13
C ALA B 9 9.96 -29.16 -16.24
N ARG B 10 9.01 -28.31 -15.88
CA ARG B 10 8.26 -27.55 -16.87
C ARG B 10 8.84 -26.16 -17.03
N GLY B 11 9.97 -25.93 -16.39
CA GLY B 11 10.65 -24.66 -16.53
C GLY B 11 9.94 -23.55 -15.81
N ALA B 12 9.22 -23.88 -14.73
CA ALA B 12 8.40 -22.87 -14.09
C ALA B 12 9.10 -22.27 -12.87
N VAL B 13 10.26 -22.82 -12.50
CA VAL B 13 10.90 -22.45 -11.24
C VAL B 13 12.29 -21.88 -11.45
N THR B 14 12.58 -20.73 -10.84
CA THR B 14 13.88 -20.08 -11.00
C THR B 14 14.95 -20.80 -10.20
N ALA B 15 16.20 -20.42 -10.42
CA ALA B 15 17.33 -21.04 -9.73
C ALA B 15 17.20 -20.83 -8.23
N VAL B 16 17.82 -21.72 -7.46
CA VAL B 16 17.81 -21.60 -6.02
C VAL B 16 18.59 -20.37 -5.60
N LYS B 17 18.05 -19.65 -4.63
CA LYS B 17 18.67 -18.42 -4.20
C LYS B 17 19.25 -18.52 -2.79
N ASP B 18 19.86 -17.43 -2.33
CA ASP B 18 20.53 -17.42 -1.05
C ASP B 18 20.14 -16.20 -0.23
N GLN B 19 19.31 -16.42 0.78
CA GLN B 19 18.84 -15.35 1.64
C GLN B 19 19.96 -14.81 2.52
N GLY B 20 21.02 -15.61 2.67
CA GLY B 20 22.15 -15.22 3.49
C GLY B 20 21.81 -15.20 4.98
N GLN B 21 22.38 -14.23 5.69
CA GLN B 21 22.16 -14.09 7.14
C GLN B 21 21.02 -13.10 7.37
N CYS B 22 19.87 -13.41 6.80
CA CYS B 22 18.74 -12.50 6.83
C CYS B 22 17.47 -13.33 6.96
N GLY B 23 16.55 -12.92 7.83
CA GLY B 23 15.30 -13.65 8.00
C GLY B 23 14.27 -13.28 6.94
N SER B 24 14.68 -13.41 5.70
CA SER B 24 13.87 -12.98 4.57
C SER B 24 13.26 -14.15 3.80
N CYS B 25 13.31 -15.32 4.41
CA CYS B 25 12.74 -16.55 3.84
C CYS B 25 11.29 -16.31 3.39
N TRP B 26 10.58 -15.46 4.13
CA TRP B 26 9.21 -15.15 3.80
C TRP B 26 9.13 -14.45 2.46
N ALA B 27 10.11 -13.60 2.17
CA ALA B 27 10.07 -12.86 0.93
C ALA B 27 10.48 -13.77 -0.21
N PHE B 28 11.41 -14.68 0.06
CA PHE B 28 11.84 -15.62 -0.99
C PHE B 28 10.73 -16.62 -1.32
N SER B 29 9.98 -17.01 -0.29
CA SER B 29 8.83 -17.86 -0.49
C SER B 29 7.78 -17.17 -1.34
N ALA B 30 7.45 -15.92 -0.97
CA ALA B 30 6.40 -15.19 -1.67
C ALA B 30 6.81 -14.83 -3.10
N ILE B 31 8.04 -14.36 -3.25
CA ILE B 31 8.50 -13.91 -4.54
C ILE B 31 8.66 -15.09 -5.48
N GLY B 32 9.12 -16.20 -4.94
CA GLY B 32 9.26 -17.43 -5.71
C GLY B 32 7.93 -17.90 -6.28
N ASN B 33 6.88 -17.77 -5.46
CA ASN B 33 5.53 -18.12 -5.86
C ASN B 33 5.05 -17.24 -7.00
N VAL B 34 5.32 -15.94 -6.90
CA VAL B 34 4.89 -15.01 -7.92
C VAL B 34 5.66 -15.26 -9.22
N GLU B 35 6.94 -15.59 -9.08
CA GLU B 35 7.75 -15.89 -10.25
C GLU B 35 7.12 -17.03 -11.03
N CYS B 36 6.74 -18.10 -10.34
CA CYS B 36 6.16 -19.26 -11.03
C CYS B 36 4.80 -18.96 -11.64
N GLN B 37 3.95 -18.26 -10.88
CA GLN B 37 2.60 -17.96 -11.33
C GLN B 37 2.65 -17.09 -12.58
N TRP B 38 3.61 -16.17 -12.62
CA TRP B 38 3.77 -15.27 -13.76
C TRP B 38 4.14 -16.01 -15.05
N PHE B 39 5.04 -16.98 -14.90
CA PHE B 39 5.40 -17.85 -16.01
C PHE B 39 4.19 -18.66 -16.48
N LEU B 40 3.45 -19.23 -15.53
CA LEU B 40 2.31 -20.09 -15.91
C LEU B 40 1.14 -19.29 -16.48
N ALA B 41 1.22 -17.97 -16.39
CA ALA B 41 0.22 -17.10 -17.00
C ALA B 41 0.60 -16.76 -18.43
N GLY B 42 1.75 -17.24 -18.86
CA GLY B 42 2.20 -17.08 -20.22
C GLY B 42 3.27 -16.02 -20.46
N HIS B 43 3.98 -15.61 -19.42
CA HIS B 43 5.02 -14.59 -19.54
C HIS B 43 6.35 -15.30 -19.30
N PRO B 44 7.47 -14.71 -19.72
CA PRO B 44 8.76 -15.38 -19.53
C PRO B 44 9.11 -15.62 -18.07
N LEU B 45 9.86 -16.68 -17.79
CA LEU B 45 10.35 -16.90 -16.43
C LEU B 45 11.41 -15.83 -16.12
N THR B 46 11.15 -15.09 -15.05
CA THR B 46 11.93 -13.90 -14.69
C THR B 46 12.27 -13.85 -13.20
N ASN B 47 13.50 -13.47 -12.85
CA ASN B 47 13.81 -13.23 -11.44
C ASN B 47 13.16 -11.95 -10.91
N LEU B 48 12.47 -12.08 -9.78
CA LEU B 48 11.78 -10.95 -9.17
C LEU B 48 12.46 -10.58 -7.85
N SER B 49 12.09 -9.42 -7.30
CA SER B 49 12.84 -8.85 -6.19
C SER B 49 12.31 -9.15 -4.76
N GLU B 50 13.05 -9.96 -4.02
CA GLU B 50 12.82 -10.14 -2.59
C GLU B 50 13.16 -8.84 -1.86
N GLN B 51 14.19 -8.16 -2.35
CA GLN B 51 14.68 -6.93 -1.72
C GLN B 51 13.58 -5.87 -1.65
N MET B 52 12.73 -5.82 -2.68
CA MET B 52 11.56 -4.94 -2.65
C MET B 52 10.72 -5.21 -1.39
N LEU B 53 10.48 -6.48 -1.07
CA LEU B 53 9.68 -6.78 0.10
C LEU B 53 10.45 -6.50 1.40
N VAL B 54 11.69 -6.97 1.46
CA VAL B 54 12.50 -6.84 2.65
C VAL B 54 12.73 -5.39 3.05
N SER B 55 12.83 -4.53 2.06
CA SER B 55 13.10 -3.13 2.33
C SER B 55 11.84 -2.29 2.48
N CYS B 56 10.82 -2.56 1.65
CA CYS B 56 9.69 -1.64 1.50
C CYS B 56 8.40 -2.06 2.19
N ASP B 57 8.31 -3.32 2.55
CA ASP B 57 7.08 -3.86 3.10
C ASP B 57 7.05 -3.71 4.62
N LYS B 58 6.33 -2.68 5.09
CA LYS B 58 6.35 -2.27 6.50
C LYS B 58 5.41 -3.09 7.35
N THR B 59 4.57 -3.86 6.67
CA THR B 59 3.66 -4.77 7.31
C THR B 59 4.47 -5.96 7.81
N ASP B 60 5.63 -6.18 7.19
CA ASP B 60 6.55 -7.19 7.70
C ASP B 60 7.85 -6.57 8.25
N SER B 61 8.77 -7.40 8.70
CA SER B 61 9.92 -6.90 9.45
C SER B 61 11.25 -7.21 8.79
N GLY B 62 11.30 -7.06 7.47
CA GLY B 62 12.54 -7.20 6.75
C GLY B 62 13.33 -8.45 7.11
N CYS B 63 14.56 -8.25 7.57
CA CYS B 63 15.45 -9.38 7.88
C CYS B 63 15.16 -10.07 9.21
N SER B 64 14.25 -9.51 10.00
CA SER B 64 13.92 -10.10 11.29
C SER B 64 12.68 -10.98 11.20
N GLY B 65 12.12 -11.08 10.00
CA GLY B 65 11.00 -11.97 9.74
C GLY B 65 9.75 -11.34 9.09
N GLY B 66 8.78 -12.20 8.76
CA GLY B 66 7.56 -11.76 8.11
C GLY B 66 6.67 -12.91 7.64
N LEU B 67 5.55 -12.58 6.98
CA LEU B 67 4.62 -13.58 6.44
C LEU B 67 4.38 -13.43 4.95
N MET B 68 4.33 -14.53 4.22
CA MET B 68 4.05 -14.49 2.79
C MET B 68 2.71 -13.81 2.47
N ASN B 69 1.69 -14.11 3.29
CA ASN B 69 0.37 -13.50 3.09
C ASN B 69 0.38 -12.00 3.31
N ASN B 70 1.20 -11.52 4.24
CA ASN B 70 1.34 -10.08 4.42
C ASN B 70 1.97 -9.45 3.19
N ALA B 71 2.97 -10.17 2.67
CA ALA B 71 3.71 -9.71 1.53
C ALA B 71 2.81 -9.56 0.32
N PHE B 72 1.96 -10.54 0.06
CA PHE B 72 1.02 -10.50 -1.06
C PHE B 72 0.05 -9.35 -0.92
N GLU B 73 -0.38 -9.15 0.31
CA GLU B 73 -1.37 -8.12 0.63
C GLU B 73 -0.71 -6.77 0.45
N TRP B 74 0.55 -6.67 0.87
CA TRP B 74 1.28 -5.41 0.72
C TRP B 74 1.46 -5.03 -0.76
N ILE B 75 1.85 -6.01 -1.57
CA ILE B 75 2.09 -5.82 -2.98
C ILE B 75 0.86 -5.25 -3.67
N VAL B 76 -0.31 -5.74 -3.27
CA VAL B 76 -1.54 -5.30 -3.94
C VAL B 76 -2.07 -3.99 -3.41
N GLN B 77 -2.02 -3.81 -2.09
CA GLN B 77 -2.62 -2.64 -1.44
C GLN B 77 -1.65 -1.47 -1.34
N GLU B 78 -0.35 -1.74 -1.32
CA GLU B 78 0.62 -0.67 -1.15
C GLU B 78 1.48 -0.41 -2.38
N ASN B 79 1.55 -1.38 -3.29
CA ASN B 79 2.47 -1.26 -4.42
C ASN B 79 1.83 -1.48 -5.78
N ASN B 80 0.51 -1.32 -5.85
CA ASN B 80 -0.25 -1.44 -7.11
C ASN B 80 -0.15 -2.76 -7.85
N GLY B 81 0.14 -3.84 -7.12
CA GLY B 81 0.28 -5.16 -7.71
C GLY B 81 1.62 -5.36 -8.38
N ALA B 82 2.53 -4.42 -8.19
CA ALA B 82 3.82 -4.47 -8.86
C ALA B 82 4.80 -5.31 -8.08
N VAL B 83 5.49 -6.19 -8.80
CA VAL B 83 6.61 -6.91 -8.22
C VAL B 83 7.78 -6.61 -9.14
N TYR B 84 8.78 -5.93 -8.61
CA TYR B 84 9.90 -5.47 -9.43
C TYR B 84 10.82 -6.64 -9.79
N THR B 85 11.55 -6.49 -10.88
CA THR B 85 12.55 -7.47 -11.27
C THR B 85 13.74 -7.45 -10.35
N GLU B 86 14.39 -8.60 -10.20
CA GLU B 86 15.60 -8.64 -9.42
C GLU B 86 16.64 -7.79 -10.11
N ASP B 87 16.58 -7.73 -11.44
CA ASP B 87 17.55 -6.97 -12.22
C ASP B 87 17.59 -5.49 -11.85
N SER B 88 16.43 -4.87 -11.60
CA SER B 88 16.38 -3.44 -11.28
C SER B 88 16.20 -3.19 -9.77
N TYR B 89 16.12 -4.26 -8.99
CA TYR B 89 16.07 -4.13 -7.52
C TYR B 89 16.75 -5.33 -6.88
N PRO B 90 18.07 -5.41 -7.04
CA PRO B 90 18.78 -6.63 -6.64
C PRO B 90 18.82 -6.85 -5.14
N TYR B 91 19.09 -8.08 -4.74
CA TYR B 91 19.14 -8.45 -3.33
C TYR B 91 20.42 -7.94 -2.68
N ALA B 92 20.27 -7.30 -1.53
CA ALA B 92 21.43 -6.68 -0.91
C ALA B 92 21.48 -6.93 0.59
N SER B 93 20.65 -7.84 1.09
CA SER B 93 20.57 -8.05 2.53
C SER B 93 21.23 -9.36 2.94
N GLY B 94 22.09 -9.90 2.07
CA GLY B 94 22.76 -11.15 2.34
C GLY B 94 23.61 -11.12 3.60
N GLU B 95 24.08 -9.95 3.99
CA GLU B 95 24.94 -9.86 5.17
C GLU B 95 24.17 -9.46 6.42
N GLY B 96 22.87 -9.19 6.26
CA GLY B 96 22.03 -8.89 7.40
C GLY B 96 21.61 -7.43 7.49
N ILE B 97 22.12 -6.63 6.56
CA ILE B 97 21.81 -5.20 6.56
C ILE B 97 20.88 -4.88 5.40
N SER B 98 19.69 -4.40 5.72
CA SER B 98 18.68 -4.09 4.71
C SER B 98 18.70 -2.61 4.34
N PRO B 99 18.95 -2.30 3.05
CA PRO B 99 18.84 -0.92 2.58
C PRO B 99 17.45 -0.34 2.82
N PRO B 100 17.31 0.98 2.72
CA PRO B 100 15.98 1.59 2.83
C PRO B 100 15.26 1.60 1.48
N CYS B 101 13.94 1.76 1.51
CA CYS B 101 13.10 1.67 0.32
C CYS B 101 13.38 2.79 -0.69
N THR B 102 13.52 2.42 -1.97
CA THR B 102 13.57 3.40 -3.07
C THR B 102 12.38 3.13 -3.97
N THR B 103 11.83 4.15 -4.62
CA THR B 103 10.58 3.99 -5.35
C THR B 103 10.47 4.71 -6.71
N SER B 104 11.60 4.99 -7.34
CA SER B 104 11.61 5.70 -8.62
C SER B 104 12.41 4.94 -9.69
N GLY B 105 11.73 4.68 -10.81
CA GLY B 105 12.33 4.08 -11.99
C GLY B 105 12.49 2.56 -12.03
N HIS B 106 12.05 1.85 -10.99
CA HIS B 106 12.15 0.40 -10.98
C HIS B 106 11.28 -0.20 -12.06
N THR B 107 11.65 -1.39 -12.50
CA THR B 107 10.93 -2.08 -13.57
C THR B 107 10.01 -3.17 -13.04
N VAL B 108 8.75 -3.08 -13.47
CA VAL B 108 7.76 -4.07 -13.07
C VAL B 108 7.96 -5.37 -13.81
N GLY B 109 8.27 -6.42 -13.08
CA GLY B 109 8.52 -7.71 -13.67
C GLY B 109 7.27 -8.60 -13.65
N ALA B 110 6.28 -8.20 -12.87
CA ALA B 110 5.05 -8.98 -12.74
C ALA B 110 3.97 -8.13 -12.14
N THR B 111 2.72 -8.43 -12.48
CA THR B 111 1.60 -7.73 -11.90
C THR B 111 0.65 -8.76 -11.31
N ILE B 112 0.36 -8.64 -10.03
CA ILE B 112 -0.58 -9.54 -9.39
C ILE B 112 -1.81 -8.75 -8.96
N THR B 113 -2.94 -9.43 -8.81
CA THR B 113 -4.19 -8.79 -8.44
C THR B 113 -4.71 -9.27 -7.09
N GLY B 114 -4.06 -10.28 -6.52
CA GLY B 114 -4.47 -10.80 -5.24
C GLY B 114 -3.80 -12.09 -4.80
N HIS B 115 -4.40 -12.77 -3.84
CA HIS B 115 -3.87 -14.06 -3.41
C HIS B 115 -4.97 -14.92 -2.84
N VAL B 116 -4.73 -16.22 -2.87
CA VAL B 116 -5.67 -17.16 -2.33
C VAL B 116 -5.00 -17.95 -1.22
N GLU B 117 -5.81 -18.36 -0.26
CA GLU B 117 -5.32 -19.27 0.77
C GLU B 117 -5.83 -20.67 0.43
N LEU B 118 -5.01 -21.68 0.76
CA LEU B 118 -5.40 -23.05 0.52
C LEU B 118 -5.80 -23.72 1.87
N PRO B 119 -6.72 -24.68 1.83
CA PRO B 119 -7.14 -25.36 3.07
C PRO B 119 -5.98 -26.08 3.77
N GLN B 120 -6.14 -26.36 5.05
CA GLN B 120 -5.10 -27.07 5.80
C GLN B 120 -5.25 -28.59 5.61
N ASP B 121 -5.01 -29.02 4.38
CA ASP B 121 -5.30 -30.36 3.87
C ASP B 121 -4.32 -30.66 2.70
N GLU B 122 -3.40 -31.59 2.93
CA GLU B 122 -2.35 -31.89 1.98
C GLU B 122 -2.89 -32.34 0.61
N ALA B 123 -4.00 -33.08 0.60
CA ALA B 123 -4.56 -33.56 -0.67
C ALA B 123 -5.21 -32.42 -1.50
N GLN B 124 -5.77 -31.42 -0.82
CA GLN B 124 -6.38 -30.28 -1.50
C GLN B 124 -5.33 -29.28 -2.00
N ILE B 125 -4.24 -29.17 -1.26
CA ILE B 125 -3.07 -28.40 -1.62
C ILE B 125 -2.41 -29.03 -2.85
N ALA B 126 -2.29 -30.36 -2.82
CA ALA B 126 -1.72 -31.08 -3.94
C ALA B 126 -2.59 -30.92 -5.19
N ALA B 127 -3.90 -30.94 -5.00
CA ALA B 127 -4.83 -30.83 -6.12
C ALA B 127 -4.67 -29.48 -6.79
N TRP B 128 -4.52 -28.45 -5.97
CA TRP B 128 -4.29 -27.11 -6.47
C TRP B 128 -2.94 -26.96 -7.14
N LEU B 129 -1.91 -27.54 -6.52
CA LEU B 129 -0.56 -27.40 -7.04
C LEU B 129 -0.47 -28.05 -8.43
N ALA B 130 -1.20 -29.15 -8.62
CA ALA B 130 -1.16 -29.91 -9.87
C ALA B 130 -1.71 -29.09 -11.02
N VAL B 131 -2.67 -28.24 -10.70
CA VAL B 131 -3.27 -27.39 -11.71
C VAL B 131 -2.55 -26.06 -11.84
N ASN B 132 -2.17 -25.46 -10.71
CA ASN B 132 -1.84 -24.05 -10.76
C ASN B 132 -0.38 -23.69 -10.43
N GLY B 133 0.42 -24.66 -10.03
CA GLY B 133 1.83 -24.36 -9.87
C GLY B 133 2.23 -24.22 -8.41
N PRO B 134 3.51 -23.92 -8.16
CA PRO B 134 4.09 -23.86 -6.82
C PRO B 134 3.34 -22.99 -5.82
N VAL B 135 3.34 -23.47 -4.58
CA VAL B 135 2.56 -22.88 -3.51
C VAL B 135 3.51 -22.37 -2.43
N ALA B 136 3.25 -21.16 -1.94
CA ALA B 136 4.05 -20.58 -0.87
C ALA B 136 3.55 -21.10 0.48
N VAL B 137 4.42 -21.81 1.20
CA VAL B 137 4.02 -22.42 2.46
C VAL B 137 5.01 -22.18 3.60
N ALA B 138 4.52 -22.30 4.82
CA ALA B 138 5.32 -22.16 6.02
C ALA B 138 5.64 -23.56 6.55
N VAL B 139 6.84 -23.74 7.08
CA VAL B 139 7.20 -25.00 7.71
C VAL B 139 7.93 -24.81 9.04
N ASP B 140 7.98 -25.89 9.81
CA ASP B 140 8.93 -26.02 10.92
C ASP B 140 10.23 -26.56 10.34
N ALA B 141 11.28 -25.75 10.32
CA ALA B 141 12.52 -26.18 9.68
C ALA B 141 13.64 -26.38 10.67
N SER B 142 13.27 -26.58 11.94
CA SER B 142 14.25 -26.68 13.01
C SER B 142 15.10 -27.96 12.91
N SER B 143 14.62 -28.98 12.22
CA SER B 143 15.45 -30.16 12.05
C SER B 143 16.06 -30.21 10.64
N TRP B 144 16.13 -29.06 9.98
CA TRP B 144 16.57 -29.05 8.59
C TRP B 144 18.05 -28.75 8.40
N MET B 145 18.70 -28.26 9.45
CA MET B 145 20.08 -27.80 9.33
C MET B 145 21.01 -28.95 8.98
N THR B 146 20.56 -30.17 9.29
CA THR B 146 21.37 -31.38 9.11
C THR B 146 21.02 -32.14 7.82
N TYR B 147 20.03 -31.68 7.08
CA TYR B 147 19.55 -32.42 5.92
C TYR B 147 20.59 -32.42 4.81
N THR B 148 20.78 -33.59 4.21
CA THR B 148 21.75 -33.76 3.11
C THR B 148 21.17 -34.54 1.95
N GLY B 149 19.97 -35.09 2.13
CA GLY B 149 19.30 -35.80 1.06
C GLY B 149 18.33 -36.83 1.57
N GLY B 150 17.54 -37.40 0.66
CA GLY B 150 16.58 -38.44 0.99
C GLY B 150 15.24 -37.85 1.39
N VAL B 151 14.26 -38.72 1.61
CA VAL B 151 12.94 -38.28 2.05
C VAL B 151 12.84 -38.18 3.57
N MET B 152 12.75 -36.95 4.06
CA MET B 152 12.66 -36.73 5.49
C MET B 152 11.29 -37.23 6.02
N THR B 153 11.32 -38.11 7.01
CA THR B 153 10.10 -38.77 7.48
C THR B 153 9.81 -38.56 8.95
N SER B 154 10.76 -38.01 9.70
CA SER B 154 10.51 -37.74 11.11
C SER B 154 10.96 -36.32 11.45
N CYS B 155 10.46 -35.40 10.64
CA CYS B 155 10.70 -33.98 10.78
C CYS B 155 10.03 -33.45 12.05
N VAL B 156 10.75 -32.62 12.79
CA VAL B 156 10.17 -31.93 13.94
C VAL B 156 9.02 -31.04 13.47
N SER B 157 7.82 -31.33 13.93
CA SER B 157 6.65 -30.66 13.38
C SER B 157 5.87 -29.94 14.47
N GLU B 158 6.49 -28.92 15.06
CA GLU B 158 5.95 -28.29 16.28
C GLU B 158 5.61 -26.81 16.11
N GLN B 159 6.49 -26.06 15.44
CA GLN B 159 6.24 -24.64 15.30
C GLN B 159 6.73 -24.06 13.94
N LEU B 160 5.86 -23.29 13.30
CA LEU B 160 6.23 -22.63 12.05
C LEU B 160 7.31 -21.56 12.25
N ASP B 161 8.43 -21.68 11.53
CA ASP B 161 9.51 -20.69 11.60
C ASP B 161 10.19 -20.38 10.25
N HIS B 162 9.73 -20.98 9.16
CA HIS B 162 10.44 -20.85 7.89
C HIS B 162 9.46 -20.84 6.72
N GLY B 163 9.68 -19.94 5.77
CA GLY B 163 8.85 -19.80 4.59
C GLY B 163 9.57 -20.44 3.41
N VAL B 164 8.87 -21.29 2.65
CA VAL B 164 9.47 -22.01 1.53
C VAL B 164 8.48 -22.17 0.39
N LEU B 165 8.87 -22.92 -0.64
CA LEU B 165 8.04 -23.09 -1.84
C LEU B 165 7.82 -24.57 -2.20
N LEU B 166 6.56 -25.02 -2.21
CA LEU B 166 6.21 -26.36 -2.70
C LEU B 166 6.24 -26.38 -4.21
N VAL B 167 7.11 -27.17 -4.84
CA VAL B 167 7.20 -27.14 -6.32
C VAL B 167 6.69 -28.41 -6.96
N GLY B 168 6.37 -29.40 -6.14
CA GLY B 168 5.81 -30.64 -6.65
C GLY B 168 5.63 -31.75 -5.63
N TYR B 169 5.19 -32.89 -6.11
CA TYR B 169 4.98 -34.05 -5.26
C TYR B 169 5.08 -35.33 -6.10
N ASN B 170 5.27 -36.43 -5.39
CA ASN B 170 5.34 -37.74 -5.98
C ASN B 170 4.49 -38.70 -5.14
N ASP B 171 3.33 -39.08 -5.66
CA ASP B 171 2.46 -40.00 -4.92
C ASP B 171 2.73 -41.45 -5.29
N SER B 172 3.46 -41.70 -6.39
CA SER B 172 3.65 -43.07 -6.87
C SER B 172 4.82 -43.79 -6.18
N ALA B 173 5.75 -43.02 -5.62
CA ALA B 173 6.89 -43.58 -4.91
C ALA B 173 6.48 -44.40 -3.66
N ALA B 174 7.42 -45.18 -3.15
CA ALA B 174 7.23 -46.02 -1.97
C ALA B 174 6.74 -45.23 -0.77
N VAL B 175 7.50 -44.19 -0.42
CA VAL B 175 7.09 -43.19 0.55
C VAL B 175 6.80 -41.88 -0.19
N PRO B 176 5.52 -41.54 -0.38
CA PRO B 176 5.12 -40.32 -1.12
C PRO B 176 5.71 -39.05 -0.52
N TYR B 177 6.06 -38.07 -1.35
CA TYR B 177 6.73 -36.89 -0.84
C TYR B 177 6.39 -35.61 -1.56
N TRP B 178 6.62 -34.52 -0.84
CA TRP B 178 6.62 -33.17 -1.39
C TRP B 178 8.02 -32.81 -1.86
N ILE B 179 8.08 -31.94 -2.86
CA ILE B 179 9.34 -31.38 -3.32
C ILE B 179 9.33 -29.89 -3.02
N ILE B 180 10.30 -29.45 -2.22
CA ILE B 180 10.30 -28.10 -1.66
C ILE B 180 11.57 -27.35 -2.00
N LYS B 181 11.40 -26.15 -2.54
CA LYS B 181 12.51 -25.27 -2.83
C LYS B 181 12.86 -24.41 -1.62
N ASN B 182 14.11 -24.53 -1.17
CA ASN B 182 14.57 -23.72 -0.06
C ASN B 182 15.42 -22.54 -0.58
N SER B 183 15.81 -21.65 0.33
CA SER B 183 16.62 -20.50 -0.05
C SER B 183 17.96 -20.47 0.71
N TRP B 184 18.63 -21.62 0.75
CA TRP B 184 19.91 -21.73 1.44
C TRP B 184 21.05 -22.18 0.51
N THR B 185 21.05 -21.65 -0.71
CA THR B 185 21.95 -22.02 -1.80
C THR B 185 21.81 -23.47 -2.17
N THR B 186 22.47 -23.83 -3.27
CA THR B 186 22.39 -25.18 -3.82
C THR B 186 23.32 -26.14 -3.09
N GLN B 187 24.07 -25.62 -2.12
CA GLN B 187 25.00 -26.47 -1.38
C GLN B 187 24.28 -27.24 -0.27
N TRP B 188 23.11 -26.74 0.12
CA TRP B 188 22.27 -27.37 1.12
C TRP B 188 21.30 -28.39 0.50
N GLY B 189 20.99 -29.46 1.24
CA GLY B 189 20.03 -30.44 0.76
C GLY B 189 20.33 -31.06 -0.59
N GLU B 190 19.28 -31.40 -1.35
CA GLU B 190 19.41 -31.96 -2.68
C GLU B 190 19.40 -30.84 -3.70
N GLU B 191 20.57 -30.23 -3.94
CA GLU B 191 20.73 -29.09 -4.85
C GLU B 191 19.89 -27.91 -4.40
N GLY B 192 19.73 -27.74 -3.10
CA GLY B 192 18.94 -26.62 -2.60
C GLY B 192 17.47 -26.98 -2.36
N TYR B 193 17.11 -28.22 -2.66
CA TYR B 193 15.75 -28.70 -2.47
C TYR B 193 15.73 -29.71 -1.35
N ILE B 194 14.53 -29.98 -0.85
CA ILE B 194 14.36 -31.00 0.14
C ILE B 194 13.11 -31.79 -0.21
N ARG B 195 13.14 -33.08 0.06
CA ARG B 195 11.95 -33.89 -0.09
C ARG B 195 11.45 -34.25 1.32
N ILE B 196 10.22 -33.88 1.65
CA ILE B 196 9.67 -34.31 2.92
C ILE B 196 8.46 -35.20 2.65
N ALA B 197 8.22 -36.16 3.54
CA ALA B 197 7.14 -37.12 3.33
C ALA B 197 5.79 -36.41 3.27
N LYS B 198 4.92 -36.96 2.44
CA LYS B 198 3.61 -36.39 2.17
C LYS B 198 2.51 -37.26 2.80
N GLY B 199 1.58 -36.63 3.50
CA GLY B 199 0.44 -37.33 4.07
C GLY B 199 0.36 -37.44 5.58
N SER B 200 1.34 -36.87 6.29
CA SER B 200 1.40 -36.92 7.74
C SER B 200 1.74 -35.54 8.31
N ASN B 201 1.54 -34.51 7.48
CA ASN B 201 1.80 -33.13 7.88
C ASN B 201 3.21 -32.89 8.44
N GLN B 202 4.20 -33.52 7.81
CA GLN B 202 5.61 -33.25 8.13
C GLN B 202 5.92 -31.76 8.11
N CYS B 203 6.55 -31.29 9.18
CA CYS B 203 6.98 -29.89 9.32
C CYS B 203 5.81 -28.92 9.28
N LEU B 204 4.61 -29.43 9.57
CA LEU B 204 3.38 -28.63 9.54
C LEU B 204 3.15 -27.99 8.16
N VAL B 205 3.54 -28.69 7.09
CA VAL B 205 3.57 -28.11 5.75
C VAL B 205 2.18 -27.67 5.26
N LYS B 206 1.13 -28.26 5.79
CA LYS B 206 -0.21 -27.94 5.31
C LYS B 206 -0.83 -26.74 6.04
N GLU B 207 -0.16 -26.23 7.06
CA GLU B 207 -0.81 -25.27 7.94
C GLU B 207 -1.00 -23.86 7.37
N GLU B 208 -0.10 -23.42 6.49
CA GLU B 208 -0.14 -22.04 5.98
C GLU B 208 0.22 -21.96 4.51
N ALA B 209 -0.66 -22.48 3.67
CA ALA B 209 -0.42 -22.54 2.23
C ALA B 209 -1.14 -21.44 1.49
N SER B 210 -0.42 -20.73 0.61
CA SER B 210 -1.05 -19.71 -0.23
C SER B 210 -0.36 -19.48 -1.59
N SER B 211 -1.02 -18.71 -2.43
CA SER B 211 -0.49 -18.38 -3.73
C SER B 211 -0.97 -17.03 -4.19
N ALA B 212 -0.09 -16.32 -4.88
CA ALA B 212 -0.47 -15.08 -5.54
C ALA B 212 -1.35 -15.41 -6.73
N VAL B 213 -2.21 -14.47 -7.06
CA VAL B 213 -3.06 -14.55 -8.22
C VAL B 213 -2.67 -13.46 -9.21
N VAL B 214 -2.34 -13.91 -10.41
CA VAL B 214 -1.82 -13.06 -11.46
C VAL B 214 -2.91 -12.32 -12.22
N GLY B 215 -2.61 -11.09 -12.63
CA GLY B 215 -3.50 -10.33 -13.49
C GLY B 215 -2.79 -9.48 -14.53
N ALA C 1 -2.10 6.96 0.05
CA ALA C 1 -2.14 7.87 1.19
C ALA C 1 -2.40 7.09 2.50
N PRO C 2 -1.53 7.30 3.51
CA PRO C 2 -1.62 6.63 4.81
C PRO C 2 -2.98 6.84 5.49
N ALA C 3 -3.29 5.97 6.43
CA ALA C 3 -4.56 6.05 7.15
C ALA C 3 -4.49 7.20 8.13
N ALA C 4 -3.27 7.51 8.56
CA ALA C 4 -3.05 8.56 9.54
C ALA C 4 -1.66 9.16 9.38
N VAL C 5 -1.59 10.49 9.52
CA VAL C 5 -0.36 11.26 9.37
C VAL C 5 -0.28 12.34 10.44
N ASP C 6 0.86 12.44 11.10
CA ASP C 6 1.09 13.52 12.07
C ASP C 6 2.54 14.05 11.99
N TRP C 7 2.72 15.21 11.37
CA TRP C 7 4.08 15.72 11.16
C TRP C 7 4.75 16.14 12.47
N ARG C 8 4.00 16.20 13.57
CA ARG C 8 4.63 16.43 14.86
C ARG C 8 5.53 15.23 15.23
N ALA C 9 5.12 14.04 14.85
CA ALA C 9 5.89 12.83 15.16
C ALA C 9 7.21 12.78 14.39
N ARG C 10 7.33 13.61 13.35
CA ARG C 10 8.56 13.63 12.57
C ARG C 10 9.46 14.80 12.99
N GLY C 11 9.05 15.53 14.01
CA GLY C 11 9.89 16.62 14.49
C GLY C 11 9.84 17.78 13.50
N ALA C 12 8.70 17.91 12.84
CA ALA C 12 8.56 18.84 11.73
C ALA C 12 7.82 20.12 12.14
N VAL C 13 7.32 20.20 13.36
CA VAL C 13 6.50 21.32 13.79
C VAL C 13 7.09 22.03 14.99
N THR C 14 7.16 23.35 14.94
CA THR C 14 7.66 24.09 16.10
C THR C 14 6.60 24.15 17.20
N ALA C 15 6.99 24.60 18.38
CA ALA C 15 6.06 24.76 19.49
C ALA C 15 4.98 25.78 19.17
N VAL C 16 3.86 25.71 19.90
CA VAL C 16 2.73 26.61 19.75
C VAL C 16 3.06 28.06 20.13
N LYS C 17 2.57 29.01 19.36
CA LYS C 17 2.88 30.41 19.60
C LYS C 17 1.64 31.22 20.04
N ASP C 18 1.86 32.51 20.26
CA ASP C 18 0.80 33.36 20.79
C ASP C 18 0.68 34.64 19.97
N GLN C 19 -0.35 34.75 19.16
CA GLN C 19 -0.51 35.98 18.40
C GLN C 19 -0.92 37.19 19.25
N GLY C 20 -1.51 36.93 20.42
CA GLY C 20 -1.93 37.99 21.33
C GLY C 20 -3.13 38.76 20.79
N GLN C 21 -3.16 40.06 21.04
CA GLN C 21 -4.27 40.90 20.60
C GLN C 21 -4.00 41.51 19.25
N CYS C 22 -3.76 40.63 18.29
CA CYS C 22 -3.38 41.06 16.97
C CYS C 22 -4.02 40.13 15.97
N GLY C 23 -4.58 40.69 14.92
CA GLY C 23 -5.14 39.88 13.86
C GLY C 23 -4.03 39.45 12.90
N SER C 24 -3.01 38.82 13.47
CA SER C 24 -1.83 38.42 12.73
C SER C 24 -1.88 36.92 12.50
N CYS C 25 -3.05 36.31 12.70
CA CYS C 25 -3.17 34.87 12.51
C CYS C 25 -2.68 34.45 11.10
N TRP C 26 -2.93 35.29 10.09
CA TRP C 26 -2.51 35.02 8.70
C TRP C 26 -0.99 34.84 8.62
N ALA C 27 -0.27 35.59 9.44
CA ALA C 27 1.17 35.50 9.47
C ALA C 27 1.65 34.26 10.24
N PHE C 28 0.92 33.86 11.27
CA PHE C 28 1.33 32.67 12.02
C PHE C 28 1.11 31.42 11.20
N SER C 29 0.02 31.42 10.45
CA SER C 29 -0.29 30.34 9.54
C SER C 29 0.81 30.23 8.46
N ALA C 30 1.20 31.35 7.83
CA ALA C 30 2.20 31.31 6.76
C ALA C 30 3.58 30.89 7.28
N ILE C 31 3.99 31.47 8.40
CA ILE C 31 5.29 31.18 8.97
C ILE C 31 5.38 29.74 9.49
N GLY C 32 4.30 29.23 10.08
CA GLY C 32 4.32 27.85 10.53
C GLY C 32 4.57 26.90 9.38
N ASN C 33 3.90 27.19 8.27
CA ASN C 33 4.09 26.40 7.06
C ASN C 33 5.55 26.48 6.55
N VAL C 34 6.17 27.66 6.58
CA VAL C 34 7.52 27.77 6.05
C VAL C 34 8.50 27.02 6.93
N GLU C 35 8.28 27.09 8.23
CA GLU C 35 9.12 26.40 9.21
C GLU C 35 9.19 24.90 8.92
N CYS C 36 8.04 24.29 8.67
CA CYS C 36 7.98 22.85 8.39
C CYS C 36 8.59 22.51 7.05
N GLN C 37 8.28 23.32 6.03
CA GLN C 37 8.79 23.05 4.69
C GLN C 37 10.30 23.14 4.69
N TRP C 38 10.81 24.12 5.43
CA TRP C 38 12.25 24.32 5.52
C TRP C 38 12.92 23.13 6.20
N PHE C 39 12.30 22.65 7.28
CA PHE C 39 12.76 21.45 7.95
C PHE C 39 12.71 20.24 7.01
N LEU C 40 11.62 20.11 6.28
CA LEU C 40 11.46 18.95 5.38
C LEU C 40 12.38 19.04 4.17
N ALA C 41 12.96 20.19 3.93
CA ALA C 41 13.93 20.35 2.86
C ALA C 41 15.34 19.91 3.33
N GLY C 42 15.44 19.49 4.59
CA GLY C 42 16.70 18.95 5.10
C GLY C 42 17.47 19.94 5.94
N HIS C 43 16.77 20.95 6.45
CA HIS C 43 17.40 21.97 7.26
C HIS C 43 16.90 21.85 8.68
N PRO C 44 17.60 22.47 9.64
CA PRO C 44 17.15 22.40 11.03
C PRO C 44 15.74 22.95 11.25
N LEU C 45 15.02 22.39 12.21
CA LEU C 45 13.74 22.97 12.60
C LEU C 45 14.06 24.29 13.30
N THR C 46 13.50 25.38 12.80
CA THR C 46 13.86 26.73 13.24
C THR C 46 12.64 27.61 13.43
N ASN C 47 12.60 28.37 14.52
CA ASN C 47 11.52 29.34 14.67
C ASN C 47 11.72 30.55 13.76
N LEU C 48 10.70 30.87 12.98
CA LEU C 48 10.79 31.96 12.03
C LEU C 48 9.93 33.12 12.47
N SER C 49 10.11 34.26 11.81
CA SER C 49 9.57 35.53 12.28
C SER C 49 8.22 35.93 11.68
N GLU C 50 7.17 35.88 12.49
CA GLU C 50 5.86 36.45 12.12
C GLU C 50 5.92 37.99 12.08
N GLN C 51 6.72 38.61 12.93
CA GLN C 51 6.79 40.06 12.98
C GLN C 51 7.22 40.69 11.63
N MET C 52 8.09 39.98 10.90
CA MET C 52 8.52 40.44 9.58
C MET C 52 7.35 40.73 8.67
N LEU C 53 6.40 39.80 8.66
CA LEU C 53 5.23 39.95 7.82
C LEU C 53 4.30 41.02 8.37
N VAL C 54 4.09 40.99 9.68
CA VAL C 54 3.15 41.92 10.28
C VAL C 54 3.63 43.36 10.09
N SER C 55 4.94 43.58 10.19
CA SER C 55 5.53 44.92 10.07
C SER C 55 5.91 45.31 8.65
N CYS C 56 6.45 44.38 7.86
CA CYS C 56 7.09 44.76 6.59
C CYS C 56 6.27 44.52 5.34
N ASP C 57 5.26 43.66 5.44
CA ASP C 57 4.46 43.27 4.28
C ASP C 57 3.26 44.18 4.05
N LYS C 58 3.36 45.08 3.09
CA LYS C 58 2.33 46.11 2.89
C LYS C 58 1.15 45.66 2.02
N THR C 59 1.29 44.50 1.40
CA THR C 59 0.19 43.92 0.65
C THR C 59 -0.87 43.39 1.62
N ASP C 60 -0.47 43.12 2.86
CA ASP C 60 -1.44 42.77 3.87
C ASP C 60 -1.54 43.91 4.88
N SER C 61 -2.33 43.74 5.94
CA SER C 61 -2.67 44.84 6.83
C SER C 61 -2.29 44.63 8.31
N GLY C 62 -1.10 44.11 8.56
CA GLY C 62 -0.58 43.96 9.92
C GLY C 62 -1.53 43.30 10.88
N CYS C 63 -1.84 43.97 11.98
CA CYS C 63 -2.73 43.40 12.99
C CYS C 63 -4.20 43.45 12.59
N SER C 64 -4.48 44.04 11.43
CA SER C 64 -5.85 44.19 10.94
C SER C 64 -6.26 43.05 10.01
N GLY C 65 -5.32 42.16 9.70
CA GLY C 65 -5.61 41.01 8.88
C GLY C 65 -4.71 40.86 7.67
N GLY C 66 -4.92 39.76 6.93
CA GLY C 66 -4.13 39.47 5.74
C GLY C 66 -4.44 38.11 5.19
N LEU C 67 -3.72 37.71 4.14
CA LEU C 67 -3.88 36.39 3.52
C LEU C 67 -2.56 35.65 3.49
N MET C 68 -2.58 34.34 3.73
CA MET C 68 -1.34 33.57 3.63
C MET C 68 -0.76 33.65 2.22
N ASN C 69 -1.63 33.59 1.22
CA ASN C 69 -1.17 33.67 -0.16
C ASN C 69 -0.45 34.98 -0.49
N ASN C 70 -0.96 36.07 0.06
CA ASN C 70 -0.33 37.38 -0.08
C ASN C 70 1.04 37.36 0.61
N ALA C 71 1.10 36.70 1.76
CA ALA C 71 2.36 36.62 2.50
C ALA C 71 3.41 35.87 1.70
N PHE C 72 3.01 34.75 1.12
CA PHE C 72 3.91 33.96 0.29
C PHE C 72 4.35 34.76 -0.95
N GLU C 73 3.44 35.55 -1.54
CA GLU C 73 3.84 36.34 -2.72
C GLU C 73 4.80 37.40 -2.26
N TRP C 74 4.50 38.03 -1.12
CA TRP C 74 5.35 39.10 -0.63
C TRP C 74 6.76 38.63 -0.34
N ILE C 75 6.88 37.47 0.28
CA ILE C 75 8.21 36.97 0.63
C ILE C 75 9.10 36.79 -0.59
N VAL C 76 8.53 36.26 -1.67
CA VAL C 76 9.30 35.94 -2.85
C VAL C 76 9.54 37.16 -3.72
N GLN C 77 8.51 37.99 -3.85
CA GLN C 77 8.56 39.11 -4.77
C GLN C 77 9.09 40.40 -4.14
N GLU C 78 8.97 40.56 -2.83
CA GLU C 78 9.40 41.80 -2.19
C GLU C 78 10.58 41.59 -1.28
N ASN C 79 10.80 40.34 -0.88
CA ASN C 79 11.78 40.09 0.15
C ASN C 79 12.83 39.07 -0.26
N ASN C 80 12.96 38.86 -1.57
CA ASN C 80 13.98 37.96 -2.10
C ASN C 80 13.88 36.54 -1.59
N GLY C 81 12.67 36.11 -1.22
CA GLY C 81 12.46 34.77 -0.71
C GLY C 81 12.91 34.63 0.72
N ALA C 82 13.28 35.74 1.36
CA ALA C 82 13.83 35.67 2.70
C ALA C 82 12.75 35.65 3.75
N VAL C 83 12.90 34.72 4.70
CA VAL C 83 12.09 34.66 5.90
C VAL C 83 13.05 34.68 7.09
N TYR C 84 12.96 35.70 7.92
CA TYR C 84 13.91 35.85 9.03
C TYR C 84 13.63 34.90 10.22
N THR C 85 14.66 34.67 11.04
CA THR C 85 14.50 33.92 12.27
C THR C 85 13.74 34.74 13.31
N GLU C 86 13.04 34.06 14.21
CA GLU C 86 12.34 34.73 15.31
C GLU C 86 13.35 35.36 16.26
N ASP C 87 14.49 34.73 16.38
CA ASP C 87 15.54 35.25 17.21
C ASP C 87 16.01 36.65 16.79
N SER C 88 16.13 36.91 15.49
CA SER C 88 16.67 38.19 15.06
C SER C 88 15.57 39.19 14.68
N TYR C 89 14.31 38.78 14.71
CA TYR C 89 13.19 39.70 14.48
C TYR C 89 11.96 39.24 15.32
N PRO C 90 12.03 39.38 16.66
CA PRO C 90 11.01 38.76 17.55
C PRO C 90 9.64 39.40 17.45
N TYR C 91 8.65 38.66 17.93
CA TYR C 91 7.29 39.11 17.86
C TYR C 91 7.09 40.21 18.87
N ALA C 92 6.46 41.30 18.45
CA ALA C 92 6.33 42.46 19.32
C ALA C 92 4.94 43.09 19.21
N SER C 93 4.01 42.38 18.55
CA SER C 93 2.66 42.90 18.32
C SER C 93 1.59 42.24 19.16
N GLY C 94 2.01 41.57 20.23
CA GLY C 94 1.09 40.88 21.12
C GLY C 94 0.04 41.79 21.75
N GLU C 95 0.36 43.08 21.86
CA GLU C 95 -0.57 44.04 22.45
C GLU C 95 -1.34 44.82 21.39
N GLY C 96 -1.05 44.60 20.12
CA GLY C 96 -1.83 45.21 19.06
C GLY C 96 -1.20 46.37 18.32
N ILE C 97 0.01 46.77 18.73
CA ILE C 97 0.74 47.84 18.06
C ILE C 97 1.94 47.24 17.33
N SER C 98 1.97 47.42 16.02
CA SER C 98 3.01 46.84 15.23
C SER C 98 4.16 47.84 15.00
N PRO C 99 5.38 47.46 15.43
CA PRO C 99 6.58 48.27 15.16
C PRO C 99 6.77 48.54 13.65
N PRO C 100 7.62 49.51 13.31
CA PRO C 100 7.85 49.76 11.88
C PRO C 100 8.91 48.82 11.29
N CYS C 101 8.96 48.70 9.97
CA CYS C 101 9.83 47.74 9.32
C CYS C 101 11.31 48.09 9.58
N THR C 102 12.11 47.07 9.87
CA THR C 102 13.56 47.25 9.90
C THR C 102 14.14 46.33 8.84
N THR C 103 15.28 46.70 8.26
CA THR C 103 15.82 45.95 7.13
C THR C 103 17.31 45.83 7.25
N SER C 104 17.83 45.93 8.46
CA SER C 104 19.27 45.88 8.62
C SER C 104 19.72 44.80 9.58
N GLY C 105 20.50 43.85 9.06
CA GLY C 105 21.18 42.86 9.89
C GLY C 105 20.40 41.65 10.36
N HIS C 106 19.15 41.51 9.92
CA HIS C 106 18.35 40.36 10.33
C HIS C 106 18.94 39.10 9.69
N THR C 107 18.64 37.96 10.30
CA THR C 107 19.16 36.70 9.82
C THR C 107 18.11 35.91 9.05
N VAL C 108 18.50 35.48 7.85
CA VAL C 108 17.63 34.67 7.02
C VAL C 108 17.57 33.27 7.57
N GLY C 109 16.40 32.85 8.01
CA GLY C 109 16.21 31.52 8.62
C GLY C 109 15.68 30.50 7.64
N ALA C 110 15.21 30.99 6.50
CA ALA C 110 14.71 30.13 5.45
C ALA C 110 14.60 30.94 4.16
N THR C 111 14.74 30.25 3.02
CA THR C 111 14.59 30.88 1.71
C THR C 111 13.54 30.12 0.94
N ILE C 112 12.50 30.78 0.47
CA ILE C 112 11.50 30.08 -0.32
C ILE C 112 11.51 30.66 -1.71
N THR C 113 11.03 29.90 -2.70
CA THR C 113 11.05 30.35 -4.08
C THR C 113 9.66 30.52 -4.64
N GLY C 114 8.66 30.10 -3.86
CA GLY C 114 7.28 30.24 -4.30
C GLY C 114 6.26 29.57 -3.41
N HIS C 115 5.05 29.41 -3.92
CA HIS C 115 4.01 28.76 -3.16
C HIS C 115 3.02 28.16 -4.12
N VAL C 116 2.32 27.14 -3.64
CA VAL C 116 1.30 26.49 -4.43
C VAL C 116 -0.01 26.51 -3.67
N GLU C 117 -1.10 26.50 -4.42
CA GLU C 117 -2.43 26.38 -3.87
C GLU C 117 -2.99 24.97 -4.06
N LEU C 118 -3.83 24.53 -3.12
CA LEU C 118 -4.43 23.21 -3.19
C LEU C 118 -5.89 23.35 -3.58
N PRO C 119 -6.46 22.32 -4.24
CA PRO C 119 -7.87 22.35 -4.63
C PRO C 119 -8.80 22.42 -3.42
N GLN C 120 -10.05 22.80 -3.65
CA GLN C 120 -11.05 22.81 -2.60
C GLN C 120 -11.65 21.41 -2.43
N ASP C 121 -10.83 20.51 -1.88
CA ASP C 121 -11.12 19.08 -1.81
C ASP C 121 -10.27 18.47 -0.69
N GLU C 122 -10.91 18.05 0.41
CA GLU C 122 -10.17 17.54 1.57
C GLU C 122 -9.31 16.32 1.26
N ALA C 123 -9.77 15.47 0.36
CA ALA C 123 -9.03 14.25 0.06
C ALA C 123 -7.74 14.58 -0.70
N GLN C 124 -7.79 15.63 -1.53
CA GLN C 124 -6.62 16.02 -2.30
C GLN C 124 -5.69 16.82 -1.40
N ILE C 125 -6.26 17.55 -0.46
CA ILE C 125 -5.45 18.24 0.54
C ILE C 125 -4.69 17.22 1.40
N ALA C 126 -5.36 16.15 1.82
CA ALA C 126 -4.70 15.11 2.60
C ALA C 126 -3.60 14.43 1.81
N ALA C 127 -3.86 14.18 0.53
CA ALA C 127 -2.91 13.49 -0.32
C ALA C 127 -1.63 14.31 -0.42
N TRP C 128 -1.79 15.62 -0.57
CA TRP C 128 -0.64 16.50 -0.58
C TRP C 128 0.06 16.52 0.75
N LEU C 129 -0.72 16.62 1.82
CA LEU C 129 -0.16 16.78 3.15
C LEU C 129 0.68 15.56 3.55
N ALA C 130 0.24 14.37 3.16
CA ALA C 130 0.94 13.13 3.51
C ALA C 130 2.34 13.07 2.89
N VAL C 131 2.50 13.68 1.74
CA VAL C 131 3.78 13.70 1.05
C VAL C 131 4.64 14.92 1.44
N ASN C 132 4.01 16.08 1.57
CA ASN C 132 4.79 17.31 1.57
C ASN C 132 4.80 18.12 2.84
N GLY C 133 3.99 17.75 3.82
CA GLY C 133 4.02 18.41 5.10
C GLY C 133 2.85 19.31 5.35
N PRO C 134 2.85 20.00 6.49
CA PRO C 134 1.78 20.87 6.96
C PRO C 134 1.35 21.90 5.94
N VAL C 135 0.05 22.18 5.94
CA VAL C 135 -0.58 23.06 4.97
C VAL C 135 -1.23 24.25 5.67
N ALA C 136 -0.99 25.46 5.18
CA ALA C 136 -1.68 26.63 5.66
C ALA C 136 -3.12 26.64 5.15
N VAL C 137 -4.06 26.77 6.08
CA VAL C 137 -5.48 26.84 5.72
C VAL C 137 -6.22 27.95 6.44
N ALA C 138 -7.29 28.40 5.80
CA ALA C 138 -8.19 29.34 6.42
C ALA C 138 -9.42 28.59 6.92
N VAL C 139 -9.91 29.01 8.08
CA VAL C 139 -11.11 28.45 8.68
C VAL C 139 -12.04 29.53 9.18
N ASP C 140 -13.29 29.14 9.41
CA ASP C 140 -14.21 29.91 10.22
C ASP C 140 -13.95 29.49 11.64
N ALA C 141 -13.43 30.39 12.46
CA ALA C 141 -13.07 30.00 13.82
C ALA C 141 -13.98 30.66 14.86
N SER C 142 -15.15 31.10 14.41
CA SER C 142 -16.03 31.84 15.31
C SER C 142 -16.54 30.95 16.45
N SER C 143 -16.54 29.64 16.27
CA SER C 143 -16.99 28.77 17.37
C SER C 143 -15.81 28.11 18.08
N TRP C 144 -14.64 28.75 18.01
CA TRP C 144 -13.42 28.16 18.54
C TRP C 144 -12.99 28.61 19.94
N MET C 145 -13.58 29.69 20.45
CA MET C 145 -13.14 30.28 21.73
C MET C 145 -13.32 29.37 22.96
N THR C 146 -14.31 28.47 22.89
CA THR C 146 -14.67 27.67 24.05
C THR C 146 -14.06 26.28 24.01
N TYR C 147 -13.30 26.00 22.96
CA TYR C 147 -12.78 24.67 22.73
C TYR C 147 -11.74 24.29 23.83
N THR C 148 -11.83 23.04 24.33
CA THR C 148 -10.86 22.58 25.34
C THR C 148 -10.34 21.18 25.00
N GLY C 149 -10.95 20.56 23.99
CA GLY C 149 -10.53 19.24 23.55
C GLY C 149 -11.61 18.49 22.80
N GLY C 150 -11.22 17.34 22.23
CA GLY C 150 -12.14 16.50 21.47
C GLY C 150 -12.22 16.82 19.98
N VAL C 151 -12.96 16.00 19.25
CA VAL C 151 -13.15 16.24 17.85
C VAL C 151 -14.37 17.09 17.61
N MET C 152 -14.15 18.32 17.13
CA MET C 152 -15.26 19.23 16.84
C MET C 152 -16.05 18.76 15.61
N THR C 153 -17.36 18.59 15.76
CA THR C 153 -18.18 17.98 14.73
C THR C 153 -19.29 18.89 14.25
N SER C 154 -19.49 20.01 14.93
CA SER C 154 -20.52 20.95 14.54
C SER C 154 -19.97 22.37 14.46
N CYS C 155 -18.88 22.53 13.73
CA CYS C 155 -18.26 23.83 13.56
C CYS C 155 -19.13 24.74 12.68
N VAL C 156 -19.31 25.98 13.11
CA VAL C 156 -19.95 27.02 12.29
C VAL C 156 -19.15 27.29 11.03
N SER C 157 -19.75 27.04 9.86
CA SER C 157 -18.98 27.10 8.62
C SER C 157 -19.54 28.12 7.64
N GLU C 158 -19.41 29.40 7.97
CA GLU C 158 -20.05 30.44 7.18
C GLU C 158 -19.10 31.43 6.54
N GLN C 159 -18.11 31.90 7.29
CA GLN C 159 -17.19 32.88 6.72
C GLN C 159 -15.78 32.69 7.27
N LEU C 160 -14.80 32.66 6.36
CA LEU C 160 -13.40 32.54 6.75
C LEU C 160 -12.93 33.77 7.52
N ASP C 161 -12.36 33.54 8.71
CA ASP C 161 -11.87 34.64 9.55
C ASP C 161 -10.55 34.32 10.28
N HIS C 162 -9.98 33.14 10.04
CA HIS C 162 -8.82 32.74 10.82
C HIS C 162 -7.83 31.92 9.99
N GLY C 163 -6.54 32.18 10.18
CA GLY C 163 -5.51 31.40 9.51
C GLY C 163 -4.84 30.42 10.46
N VAL C 164 -4.71 29.16 10.06
CA VAL C 164 -4.08 28.13 10.91
C VAL C 164 -3.27 27.14 10.08
N LEU C 165 -2.77 26.09 10.74
CA LEU C 165 -1.90 25.11 10.08
C LEU C 165 -2.38 23.66 10.22
N LEU C 166 -2.64 23.00 9.10
CA LEU C 166 -2.95 21.55 9.09
C LEU C 166 -1.68 20.75 9.28
N VAL C 167 -1.54 20.03 10.39
CA VAL C 167 -0.29 19.29 10.61
C VAL C 167 -0.50 17.80 10.50
N GLY C 168 -1.75 17.40 10.28
CA GLY C 168 -2.06 16.00 10.08
C GLY C 168 -3.53 15.63 10.02
N TYR C 169 -3.77 14.33 9.94
CA TYR C 169 -5.12 13.79 9.91
C TYR C 169 -5.10 12.35 10.42
N ASN C 170 -6.27 11.86 10.82
CA ASN C 170 -6.46 10.48 11.25
C ASN C 170 -7.76 9.96 10.65
N ASP C 171 -7.63 9.11 9.62
CA ASP C 171 -8.77 8.53 8.94
C ASP C 171 -9.20 7.24 9.62
N SER C 172 -8.36 6.75 10.53
CA SER C 172 -8.60 5.45 11.15
C SER C 172 -9.62 5.59 12.26
N ALA C 173 -9.70 6.78 12.84
CA ALA C 173 -10.59 7.03 13.98
C ALA C 173 -12.05 6.82 13.65
N ALA C 174 -12.84 6.69 14.70
CA ALA C 174 -14.28 6.51 14.59
C ALA C 174 -14.87 7.65 13.78
N VAL C 175 -14.58 8.86 14.24
CA VAL C 175 -14.85 10.08 13.46
C VAL C 175 -13.52 10.63 12.98
N PRO C 176 -13.24 10.46 11.68
CA PRO C 176 -11.99 10.94 11.07
C PRO C 176 -11.81 12.43 11.29
N TYR C 177 -10.58 12.87 11.54
CA TYR C 177 -10.36 14.27 11.88
C TYR C 177 -9.07 14.84 11.31
N TRP C 178 -9.06 16.15 11.16
CA TRP C 178 -7.84 16.88 10.89
C TRP C 178 -7.17 17.24 12.21
N ILE C 179 -5.85 17.39 12.17
CA ILE C 179 -5.11 17.91 13.32
C ILE C 179 -4.56 19.27 12.96
N ILE C 180 -4.94 20.28 13.73
CA ILE C 180 -4.64 21.66 13.39
C ILE C 180 -3.89 22.40 14.50
N LYS C 181 -2.78 23.03 14.13
CA LYS C 181 -2.01 23.87 15.04
C LYS C 181 -2.56 25.28 15.07
N ASN C 182 -2.91 25.75 16.25
CA ASN C 182 -3.37 27.13 16.38
C ASN C 182 -2.28 28.02 16.98
N SER C 183 -2.55 29.31 17.05
CA SER C 183 -1.60 30.29 17.59
C SER C 183 -2.17 31.08 18.77
N TRP C 184 -2.84 30.38 19.69
CA TRP C 184 -3.44 30.99 20.87
C TRP C 184 -2.88 30.38 22.16
N THR C 185 -1.57 30.17 22.19
CA THR C 185 -0.85 29.49 23.30
C THR C 185 -1.31 28.07 23.57
N THR C 186 -0.60 27.41 24.47
CA THR C 186 -0.91 26.03 24.79
C THR C 186 -2.04 25.90 25.81
N GLN C 187 -2.59 27.05 26.23
CA GLN C 187 -3.68 27.07 27.22
C GLN C 187 -5.04 26.77 26.57
N TRP C 188 -5.12 27.04 25.27
CA TRP C 188 -6.32 26.80 24.47
C TRP C 188 -6.31 25.41 23.87
N GLY C 189 -7.49 24.82 23.72
CA GLY C 189 -7.62 23.51 23.10
C GLY C 189 -6.76 22.41 23.69
N GLU C 190 -6.36 21.47 22.83
CA GLU C 190 -5.51 20.36 23.24
C GLU C 190 -4.06 20.77 23.09
N GLU C 191 -3.56 21.49 24.09
CA GLU C 191 -2.20 22.04 24.11
C GLU C 191 -1.91 22.92 22.90
N GLY C 192 -2.92 23.68 22.49
CA GLY C 192 -2.76 24.61 21.40
C GLY C 192 -3.17 24.04 20.05
N TYR C 193 -3.60 22.79 20.02
CA TYR C 193 -4.07 22.16 18.80
C TYR C 193 -5.57 21.92 18.90
N ILE C 194 -6.20 21.62 17.76
CA ILE C 194 -7.61 21.28 17.72
C ILE C 194 -7.84 20.19 16.69
N ARG C 195 -8.79 19.30 16.97
CA ARG C 195 -9.20 18.29 16.00
C ARG C 195 -10.59 18.61 15.50
N ILE C 196 -10.73 18.77 14.20
CA ILE C 196 -12.03 18.97 13.60
C ILE C 196 -12.27 17.79 12.68
N ALA C 197 -13.53 17.43 12.51
CA ALA C 197 -13.86 16.27 11.70
C ALA C 197 -13.39 16.49 10.27
N LYS C 198 -13.00 15.39 9.64
CA LYS C 198 -12.49 15.40 8.28
C LYS C 198 -13.49 14.79 7.32
N GLY C 199 -13.76 15.48 6.22
CA GLY C 199 -14.62 14.95 5.17
C GLY C 199 -15.94 15.68 4.99
N SER C 200 -16.21 16.69 5.79
CA SER C 200 -17.48 17.40 5.70
C SER C 200 -17.29 18.92 5.64
N ASN C 201 -16.07 19.34 5.35
CA ASN C 201 -15.72 20.75 5.23
C ASN C 201 -16.05 21.53 6.51
N GLN C 202 -15.74 20.90 7.65
CA GLN C 202 -15.83 21.60 8.94
C GLN C 202 -14.99 22.88 8.91
N CYS C 203 -15.63 23.98 9.31
CA CYS C 203 -14.98 25.29 9.38
C CYS C 203 -14.47 25.77 8.05
N LEU C 204 -15.05 25.22 6.98
CA LEU C 204 -14.67 25.59 5.62
C LEU C 204 -13.17 25.33 5.40
N VAL C 205 -12.68 24.24 6.00
CA VAL C 205 -11.25 23.97 6.06
C VAL C 205 -10.62 23.75 4.67
N LYS C 206 -11.42 23.36 3.69
CA LYS C 206 -10.89 23.07 2.37
C LYS C 206 -10.87 24.30 1.43
N GLU C 207 -11.43 25.42 1.85
CA GLU C 207 -11.65 26.51 0.88
C GLU C 207 -10.40 27.30 0.46
N GLU C 208 -9.40 27.42 1.33
CA GLU C 208 -8.24 28.25 1.02
C GLU C 208 -6.94 27.64 1.54
N ALA C 209 -6.53 26.53 0.95
CA ALA C 209 -5.34 25.83 1.39
C ALA C 209 -4.14 26.08 0.47
N SER C 210 -2.98 26.38 1.04
CA SER C 210 -1.77 26.62 0.26
C SER C 210 -0.53 26.29 1.07
N SER C 211 0.62 26.32 0.39
CA SER C 211 1.89 26.04 1.04
C SER C 211 3.05 26.72 0.34
N ALA C 212 4.05 27.14 1.11
CA ALA C 212 5.27 27.65 0.52
C ALA C 212 6.02 26.51 -0.13
N VAL C 213 6.80 26.88 -1.15
CA VAL C 213 7.70 25.96 -1.86
C VAL C 213 9.13 26.38 -1.55
N VAL C 214 9.93 25.46 -1.03
CA VAL C 214 11.27 25.80 -0.61
C VAL C 214 12.29 25.74 -1.76
N GLY C 215 13.22 26.68 -1.73
CA GLY C 215 14.37 26.67 -2.61
C GLY C 215 15.62 27.19 -1.91
N ALA D 1 -27.74 -49.48 -15.06
CA ALA D 1 -28.05 -48.38 -14.15
C ALA D 1 -28.86 -48.88 -12.97
N PRO D 2 -28.43 -48.54 -11.74
CA PRO D 2 -29.14 -48.93 -10.52
C PRO D 2 -30.62 -48.54 -10.54
N ALA D 3 -31.43 -49.20 -9.72
CA ALA D 3 -32.87 -48.93 -9.73
C ALA D 3 -33.20 -47.58 -9.12
N ALA D 4 -32.34 -47.16 -8.19
CA ALA D 4 -32.56 -45.95 -7.44
C ALA D 4 -31.23 -45.47 -6.97
N VAL D 5 -31.07 -44.15 -6.95
CA VAL D 5 -29.87 -43.47 -6.46
C VAL D 5 -30.28 -42.19 -5.73
N ASP D 6 -29.70 -41.95 -4.56
CA ASP D 6 -29.91 -40.71 -3.82
C ASP D 6 -28.60 -40.28 -3.22
N TRP D 7 -27.94 -39.30 -3.82
CA TRP D 7 -26.63 -38.89 -3.35
C TRP D 7 -26.68 -38.16 -2.00
N ARG D 8 -27.88 -37.76 -1.55
CA ARG D 8 -27.99 -37.17 -0.22
C ARG D 8 -27.69 -38.21 0.87
N ALA D 9 -28.12 -39.45 0.65
CA ALA D 9 -27.90 -40.50 1.62
C ALA D 9 -26.40 -40.82 1.71
N ARG D 10 -25.65 -40.43 0.68
CA ARG D 10 -24.23 -40.77 0.67
C ARG D 10 -23.37 -39.61 1.20
N GLY D 11 -24.00 -38.56 1.73
CA GLY D 11 -23.28 -37.45 2.31
C GLY D 11 -22.63 -36.57 1.27
N ALA D 12 -23.21 -36.52 0.07
CA ALA D 12 -22.58 -35.81 -1.04
C ALA D 12 -23.18 -34.43 -1.28
N VAL D 13 -24.24 -34.09 -0.55
CA VAL D 13 -25.00 -32.86 -0.81
C VAL D 13 -25.07 -31.93 0.42
N THR D 14 -24.74 -30.66 0.24
CA THR D 14 -24.80 -29.69 1.33
C THR D 14 -26.22 -29.31 1.63
N ALA D 15 -26.41 -28.57 2.72
CA ALA D 15 -27.75 -28.12 3.10
C ALA D 15 -28.35 -27.23 2.00
N VAL D 16 -29.66 -27.15 1.99
CA VAL D 16 -30.40 -26.32 1.06
C VAL D 16 -30.19 -24.83 1.37
N LYS D 17 -30.00 -24.02 0.33
CA LYS D 17 -29.71 -22.59 0.53
C LYS D 17 -30.82 -21.67 0.02
N ASP D 18 -30.60 -20.36 0.17
CA ASP D 18 -31.59 -19.36 -0.22
C ASP D 18 -30.96 -18.26 -1.06
N GLN D 19 -31.29 -18.26 -2.35
CA GLN D 19 -30.76 -17.27 -3.29
C GLN D 19 -31.33 -15.91 -2.97
N GLY D 20 -32.41 -15.91 -2.21
CA GLY D 20 -33.06 -14.68 -1.82
C GLY D 20 -33.71 -14.05 -3.02
N GLN D 21 -33.69 -12.72 -3.06
CA GLN D 21 -34.31 -11.93 -4.11
C GLN D 21 -33.29 -11.59 -5.17
N CYS D 22 -32.71 -12.63 -5.75
CA CYS D 22 -31.64 -12.50 -6.73
C CYS D 22 -31.83 -13.60 -7.78
N GLY D 23 -31.69 -13.27 -9.05
CA GLY D 23 -31.83 -14.29 -10.08
C GLY D 23 -30.52 -15.05 -10.23
N SER D 24 -30.04 -15.59 -9.13
CA SER D 24 -28.72 -16.23 -9.10
C SER D 24 -28.81 -17.75 -9.08
N CYS D 25 -29.98 -18.28 -9.41
CA CYS D 25 -30.21 -19.73 -9.45
C CYS D 25 -29.12 -20.45 -10.25
N TRP D 26 -28.64 -19.82 -11.32
CA TRP D 26 -27.60 -20.43 -12.16
C TRP D 26 -26.32 -20.69 -11.36
N ALA D 27 -26.02 -19.79 -10.42
CA ALA D 27 -24.79 -19.88 -9.66
C ALA D 27 -24.89 -20.91 -8.51
N PHE D 28 -26.08 -21.04 -7.93
CA PHE D 28 -26.33 -22.03 -6.88
C PHE D 28 -26.32 -23.44 -7.45
N SER D 29 -26.83 -23.56 -8.66
CA SER D 29 -26.83 -24.81 -9.42
C SER D 29 -25.41 -25.23 -9.66
N ALA D 30 -24.61 -24.29 -10.17
CA ALA D 30 -23.24 -24.64 -10.53
C ALA D 30 -22.41 -24.99 -9.31
N ILE D 31 -22.51 -24.15 -8.29
CA ILE D 31 -21.70 -24.35 -7.10
C ILE D 31 -22.11 -25.61 -6.33
N GLY D 32 -23.42 -25.90 -6.29
CA GLY D 32 -23.90 -27.11 -5.65
C GLY D 32 -23.32 -28.34 -6.31
N ASN D 33 -23.25 -28.29 -7.63
CA ASN D 33 -22.65 -29.36 -8.40
C ASN D 33 -21.18 -29.55 -8.06
N VAL D 34 -20.45 -28.45 -7.90
CA VAL D 34 -19.03 -28.54 -7.63
C VAL D 34 -18.83 -29.13 -6.25
N GLU D 35 -19.68 -28.72 -5.31
CA GLU D 35 -19.64 -29.21 -3.94
C GLU D 35 -19.73 -30.71 -3.91
N CYS D 36 -20.68 -31.27 -4.64
CA CYS D 36 -20.87 -32.72 -4.64
C CYS D 36 -19.70 -33.42 -5.33
N GLN D 37 -19.26 -32.87 -6.46
CA GLN D 37 -18.14 -33.45 -7.22
C GLN D 37 -16.85 -33.47 -6.43
N TRP D 38 -16.60 -32.39 -5.69
CA TRP D 38 -15.41 -32.28 -4.87
C TRP D 38 -15.45 -33.37 -3.78
N PHE D 39 -16.62 -33.56 -3.18
CA PHE D 39 -16.78 -34.62 -2.20
C PHE D 39 -16.54 -36.01 -2.81
N LEU D 40 -17.10 -36.26 -3.98
CA LEU D 40 -16.97 -37.59 -4.58
C LEU D 40 -15.53 -37.87 -5.06
N ALA D 41 -14.71 -36.81 -5.12
CA ALA D 41 -13.31 -36.95 -5.48
C ALA D 41 -12.46 -37.28 -4.25
N GLY D 42 -13.11 -37.41 -3.09
CA GLY D 42 -12.43 -37.81 -1.85
C GLY D 42 -12.08 -36.66 -0.90
N HIS D 43 -12.80 -35.55 -1.02
CA HIS D 43 -12.53 -34.42 -0.15
C HIS D 43 -13.73 -34.18 0.73
N PRO D 44 -13.53 -33.53 1.89
CA PRO D 44 -14.66 -33.27 2.79
C PRO D 44 -15.72 -32.38 2.12
N LEU D 45 -16.98 -32.63 2.46
CA LEU D 45 -18.09 -31.83 1.97
C LEU D 45 -17.97 -30.44 2.54
N THR D 46 -17.96 -29.47 1.64
CA THR D 46 -17.70 -28.09 1.99
C THR D 46 -18.67 -27.16 1.28
N ASN D 47 -19.19 -26.17 1.99
CA ASN D 47 -19.98 -25.14 1.32
C ASN D 47 -19.09 -24.22 0.49
N LEU D 48 -19.45 -24.06 -0.76
CA LEU D 48 -18.65 -23.25 -1.66
C LEU D 48 -19.41 -21.98 -2.00
N SER D 49 -18.72 -21.03 -2.61
CA SER D 49 -19.23 -19.67 -2.74
C SER D 49 -20.00 -19.38 -4.02
N GLU D 50 -21.30 -19.18 -3.89
CA GLU D 50 -22.09 -18.65 -5.01
C GLU D 50 -21.72 -17.19 -5.26
N GLN D 51 -21.44 -16.47 -4.19
CA GLN D 51 -21.15 -15.05 -4.27
C GLN D 51 -19.99 -14.77 -5.21
N MET D 52 -19.02 -15.67 -5.19
CA MET D 52 -17.90 -15.58 -6.12
C MET D 52 -18.36 -15.48 -7.57
N LEU D 53 -19.36 -16.29 -7.96
CA LEU D 53 -19.84 -16.21 -9.33
C LEU D 53 -20.66 -14.95 -9.56
N VAL D 54 -21.54 -14.63 -8.62
CA VAL D 54 -22.42 -13.47 -8.80
C VAL D 54 -21.64 -12.16 -8.92
N SER D 55 -20.56 -12.02 -8.16
CA SER D 55 -19.79 -10.78 -8.17
C SER D 55 -18.68 -10.75 -9.21
N CYS D 56 -17.99 -11.88 -9.41
CA CYS D 56 -16.75 -11.89 -10.17
C CYS D 56 -16.89 -12.39 -11.60
N ASP D 57 -17.96 -13.12 -11.86
CA ASP D 57 -18.09 -13.74 -13.17
C ASP D 57 -18.80 -12.82 -14.15
N LYS D 58 -18.01 -12.17 -15.01
CA LYS D 58 -18.51 -11.16 -15.96
C LYS D 58 -19.06 -11.77 -17.25
N THR D 59 -18.80 -13.05 -17.46
CA THR D 59 -19.37 -13.77 -18.60
C THR D 59 -20.87 -13.98 -18.34
N ASP D 60 -21.24 -13.98 -17.05
CA ASP D 60 -22.66 -14.02 -16.66
C ASP D 60 -23.12 -12.67 -16.09
N SER D 61 -24.37 -12.61 -15.65
CA SER D 61 -24.98 -11.34 -15.28
C SER D 61 -25.49 -11.23 -13.84
N GLY D 62 -24.74 -11.78 -12.90
CA GLY D 62 -25.06 -11.65 -11.48
C GLY D 62 -26.49 -11.96 -11.08
N CYS D 63 -27.16 -10.99 -10.47
CA CYS D 63 -28.52 -11.22 -9.99
C CYS D 63 -29.56 -11.20 -11.12
N SER D 64 -29.12 -10.90 -12.34
CA SER D 64 -30.03 -10.84 -13.49
C SER D 64 -30.10 -12.14 -14.30
N GLY D 65 -29.32 -13.14 -13.91
CA GLY D 65 -29.34 -14.44 -14.58
C GLY D 65 -27.98 -14.89 -15.09
N GLY D 66 -27.93 -16.10 -15.64
CA GLY D 66 -26.71 -16.70 -16.14
C GLY D 66 -26.88 -18.14 -16.60
N LEU D 67 -25.78 -18.77 -16.98
CA LEU D 67 -25.79 -20.17 -17.42
C LEU D 67 -24.81 -20.96 -16.57
N MET D 68 -25.17 -22.19 -16.18
CA MET D 68 -24.22 -22.99 -15.41
C MET D 68 -22.96 -23.31 -16.23
N ASN D 69 -23.15 -23.65 -17.50
CA ASN D 69 -22.01 -23.95 -18.36
C ASN D 69 -21.04 -22.78 -18.49
N ASN D 70 -21.58 -21.56 -18.54
CA ASN D 70 -20.77 -20.35 -18.58
C ASN D 70 -19.99 -20.15 -17.29
N ALA D 71 -20.62 -20.47 -16.18
CA ALA D 71 -19.96 -20.39 -14.87
C ALA D 71 -18.80 -21.37 -14.81
N PHE D 72 -18.99 -22.58 -15.33
CA PHE D 72 -17.92 -23.59 -15.33
C PHE D 72 -16.73 -23.15 -16.17
N GLU D 73 -17.00 -22.51 -17.31
CA GLU D 73 -15.92 -22.01 -18.17
C GLU D 73 -15.22 -20.82 -17.51
N TRP D 74 -15.98 -19.94 -16.87
CA TRP D 74 -15.39 -18.81 -16.16
C TRP D 74 -14.45 -19.26 -15.03
N ILE D 75 -14.89 -20.23 -14.24
CA ILE D 75 -14.07 -20.71 -13.15
C ILE D 75 -12.73 -21.26 -13.68
N VAL D 76 -12.79 -21.99 -14.78
CA VAL D 76 -11.60 -22.65 -15.32
C VAL D 76 -10.65 -21.73 -16.10
N GLN D 77 -11.22 -20.84 -16.92
CA GLN D 77 -10.43 -19.96 -17.81
C GLN D 77 -10.07 -18.58 -17.23
N GLU D 78 -10.88 -18.09 -16.29
CA GLU D 78 -10.64 -16.77 -15.71
C GLU D 78 -10.24 -16.84 -14.23
N ASN D 79 -10.51 -17.96 -13.56
CA ASN D 79 -10.28 -18.03 -12.11
C ASN D 79 -9.40 -19.18 -11.68
N ASN D 80 -8.62 -19.73 -12.63
CA ASN D 80 -7.67 -20.82 -12.38
C ASN D 80 -8.30 -22.10 -11.82
N GLY D 81 -9.57 -22.31 -12.09
CA GLY D 81 -10.25 -23.49 -11.60
C GLY D 81 -10.61 -23.39 -10.13
N ALA D 82 -10.46 -22.20 -9.56
CA ALA D 82 -10.68 -22.01 -8.12
C ALA D 82 -12.14 -21.74 -7.79
N VAL D 83 -12.65 -22.42 -6.77
CA VAL D 83 -13.96 -22.10 -6.21
C VAL D 83 -13.83 -21.86 -4.71
N TYR D 84 -14.19 -20.66 -4.27
CA TYR D 84 -13.96 -20.32 -2.87
C TYR D 84 -14.94 -20.97 -1.88
N THR D 85 -14.53 -21.06 -0.63
CA THR D 85 -15.43 -21.51 0.42
C THR D 85 -16.46 -20.42 0.71
N GLU D 86 -17.69 -20.81 1.08
CA GLU D 86 -18.71 -19.82 1.46
C GLU D 86 -18.26 -19.08 2.73
N ASP D 87 -17.53 -19.80 3.56
CA ASP D 87 -16.99 -19.22 4.79
C ASP D 87 -16.10 -17.99 4.47
N SER D 88 -15.33 -18.04 3.39
CA SER D 88 -14.42 -16.95 3.07
C SER D 88 -15.02 -16.01 2.02
N TYR D 89 -16.20 -16.35 1.50
CA TYR D 89 -16.88 -15.48 0.54
C TYR D 89 -18.38 -15.66 0.63
N PRO D 90 -18.98 -15.20 1.74
CA PRO D 90 -20.39 -15.52 2.00
C PRO D 90 -21.35 -14.80 1.05
N TYR D 91 -22.56 -15.34 0.97
CA TYR D 91 -23.61 -14.83 0.10
C TYR D 91 -24.17 -13.52 0.65
N ALA D 92 -24.24 -12.50 -0.21
CA ALA D 92 -24.62 -11.16 0.22
C ALA D 92 -25.58 -10.50 -0.75
N SER D 93 -26.14 -11.29 -1.66
CA SER D 93 -27.00 -10.75 -2.69
C SER D 93 -28.43 -11.06 -2.35
N GLY D 94 -28.65 -11.39 -1.07
CA GLY D 94 -29.96 -11.73 -0.55
C GLY D 94 -30.99 -10.63 -0.70
N GLU D 95 -30.52 -9.39 -0.77
CA GLU D 95 -31.39 -8.23 -0.91
C GLU D 95 -31.48 -7.73 -2.37
N GLY D 96 -30.73 -8.36 -3.27
CA GLY D 96 -30.83 -8.05 -4.67
C GLY D 96 -29.64 -7.22 -5.12
N ILE D 97 -28.81 -6.86 -4.15
CA ILE D 97 -27.64 -6.01 -4.42
C ILE D 97 -26.36 -6.81 -4.29
N SER D 98 -25.63 -6.85 -5.40
CA SER D 98 -24.38 -7.60 -5.48
C SER D 98 -23.17 -6.73 -5.20
N PRO D 99 -22.39 -7.08 -4.18
CA PRO D 99 -21.08 -6.45 -3.92
C PRO D 99 -20.16 -6.59 -5.13
N PRO D 100 -19.06 -5.82 -5.17
CA PRO D 100 -18.07 -5.97 -6.26
C PRO D 100 -17.02 -7.05 -5.94
N CYS D 101 -16.32 -7.53 -6.98
CA CYS D 101 -15.37 -8.64 -6.82
C CYS D 101 -14.19 -8.31 -5.90
N THR D 102 -13.88 -9.24 -4.98
CA THR D 102 -12.66 -9.15 -4.16
C THR D 102 -11.73 -10.34 -4.41
N THR D 103 -10.44 -10.13 -4.22
CA THR D 103 -9.42 -11.13 -4.59
C THR D 103 -8.32 -11.23 -3.53
N SER D 104 -8.62 -10.90 -2.29
CA SER D 104 -7.55 -10.97 -1.31
C SER D 104 -7.91 -11.89 -0.16
N GLY D 105 -7.10 -12.95 -0.04
CA GLY D 105 -7.15 -13.85 1.10
C GLY D 105 -8.22 -14.92 1.11
N HIS D 106 -9.05 -15.01 0.07
CA HIS D 106 -10.13 -15.99 0.03
C HIS D 106 -9.55 -17.41 0.02
N THR D 107 -10.34 -18.37 0.49
CA THR D 107 -9.87 -19.72 0.60
C THR D 107 -10.45 -20.54 -0.54
N VAL D 108 -9.58 -21.22 -1.26
CA VAL D 108 -9.97 -22.12 -2.33
C VAL D 108 -10.60 -23.37 -1.71
N GLY D 109 -11.88 -23.61 -1.97
CA GLY D 109 -12.55 -24.75 -1.40
C GLY D 109 -12.58 -25.93 -2.36
N ALA D 110 -12.29 -25.65 -3.63
CA ALA D 110 -12.25 -26.70 -4.65
C ALA D 110 -11.56 -26.20 -5.91
N THR D 111 -10.97 -27.15 -6.62
CA THR D 111 -10.30 -26.87 -7.88
C THR D 111 -10.92 -27.75 -8.94
N ILE D 112 -11.46 -27.13 -9.98
CA ILE D 112 -11.99 -27.90 -11.09
C ILE D 112 -11.13 -27.66 -12.32
N THR D 113 -11.18 -28.60 -13.26
CA THR D 113 -10.32 -28.56 -14.45
C THR D 113 -11.09 -28.43 -15.75
N GLY D 114 -12.42 -28.53 -15.66
CA GLY D 114 -13.25 -28.44 -16.83
C GLY D 114 -14.67 -28.84 -16.47
N HIS D 115 -15.47 -29.12 -17.48
CA HIS D 115 -16.85 -29.54 -17.29
C HIS D 115 -17.32 -30.35 -18.48
N VAL D 116 -18.33 -31.18 -18.27
CA VAL D 116 -18.85 -31.95 -19.37
C VAL D 116 -20.30 -31.60 -19.56
N GLU D 117 -20.75 -31.62 -20.81
CA GLU D 117 -22.15 -31.44 -21.09
C GLU D 117 -22.71 -32.81 -21.40
N LEU D 118 -23.91 -33.10 -20.92
CA LEU D 118 -24.47 -34.42 -21.02
C LEU D 118 -25.51 -34.48 -22.12
N PRO D 119 -25.70 -35.66 -22.72
CA PRO D 119 -26.69 -35.81 -23.79
C PRO D 119 -28.09 -35.45 -23.32
N GLN D 120 -28.95 -35.09 -24.27
CA GLN D 120 -30.32 -34.76 -23.96
C GLN D 120 -31.16 -36.03 -23.92
N ASP D 121 -30.94 -36.82 -22.88
CA ASP D 121 -31.45 -38.17 -22.75
C ASP D 121 -31.57 -38.53 -21.27
N GLU D 122 -32.81 -38.64 -20.77
CA GLU D 122 -33.03 -38.89 -19.34
C GLU D 122 -32.38 -40.18 -18.84
N ALA D 123 -32.36 -41.23 -19.66
CA ALA D 123 -31.77 -42.50 -19.24
C ALA D 123 -30.24 -42.43 -19.17
N GLN D 124 -29.63 -41.59 -20.00
CA GLN D 124 -28.17 -41.45 -19.94
C GLN D 124 -27.74 -40.51 -18.84
N ILE D 125 -28.55 -39.49 -18.56
CA ILE D 125 -28.22 -38.58 -17.49
C ILE D 125 -28.27 -39.40 -16.18
N ALA D 126 -29.27 -40.27 -16.05
CA ALA D 126 -29.40 -41.10 -14.85
C ALA D 126 -28.23 -42.07 -14.69
N ALA D 127 -27.80 -42.66 -15.81
CA ALA D 127 -26.67 -43.56 -15.79
C ALA D 127 -25.39 -42.81 -15.44
N TRP D 128 -25.21 -41.61 -15.99
CA TRP D 128 -24.03 -40.80 -15.68
C TRP D 128 -24.09 -40.40 -14.20
N LEU D 129 -25.28 -39.98 -13.76
CA LEU D 129 -25.49 -39.54 -12.39
C LEU D 129 -25.25 -40.66 -11.38
N ALA D 130 -25.63 -41.88 -11.73
CA ALA D 130 -25.49 -42.99 -10.78
C ALA D 130 -24.00 -43.31 -10.51
N VAL D 131 -23.17 -43.07 -11.50
CA VAL D 131 -21.74 -43.32 -11.38
C VAL D 131 -21.00 -42.08 -10.87
N ASN D 132 -21.35 -40.91 -11.39
CA ASN D 132 -20.46 -39.77 -11.28
C ASN D 132 -20.97 -38.65 -10.38
N GLY D 133 -22.21 -38.79 -9.93
CA GLY D 133 -22.74 -37.86 -8.96
C GLY D 133 -23.75 -36.89 -9.52
N PRO D 134 -24.19 -35.97 -8.68
CA PRO D 134 -25.20 -34.93 -8.98
C PRO D 134 -24.90 -34.10 -10.21
N VAL D 135 -25.98 -33.74 -10.90
CA VAL D 135 -25.92 -33.08 -12.18
C VAL D 135 -26.63 -31.71 -12.16
N ALA D 136 -25.96 -30.68 -12.67
CA ALA D 136 -26.59 -29.36 -12.86
C ALA D 136 -27.51 -29.38 -14.06
N VAL D 137 -28.76 -28.99 -13.87
CA VAL D 137 -29.70 -28.94 -14.99
C VAL D 137 -30.49 -27.64 -15.02
N ALA D 138 -30.91 -27.27 -16.22
CA ALA D 138 -31.80 -26.13 -16.36
C ALA D 138 -33.21 -26.68 -16.50
N VAL D 139 -34.15 -25.99 -15.87
CA VAL D 139 -35.54 -26.40 -15.97
C VAL D 139 -36.47 -25.21 -16.28
N ASP D 140 -37.66 -25.55 -16.78
CA ASP D 140 -38.75 -24.61 -16.76
C ASP D 140 -39.42 -24.76 -15.41
N ALA D 141 -39.25 -23.76 -14.55
CA ALA D 141 -39.78 -23.80 -13.19
C ALA D 141 -40.89 -22.78 -13.00
N SER D 142 -41.55 -22.40 -14.09
CA SER D 142 -42.58 -21.38 -14.03
C SER D 142 -43.81 -21.87 -13.24
N SER D 143 -44.02 -23.18 -13.20
CA SER D 143 -45.16 -23.74 -12.44
C SER D 143 -44.70 -24.32 -11.10
N TRP D 144 -43.56 -23.85 -10.60
CA TRP D 144 -42.96 -24.39 -9.37
C TRP D 144 -43.28 -23.55 -8.13
N MET D 145 -43.85 -22.35 -8.32
CA MET D 145 -44.09 -21.47 -7.17
C MET D 145 -45.12 -22.08 -6.20
N THR D 146 -45.97 -22.94 -6.73
CA THR D 146 -47.10 -23.49 -5.97
C THR D 146 -46.81 -24.87 -5.37
N TYR D 147 -45.61 -25.40 -5.60
CA TYR D 147 -45.27 -26.75 -5.18
C TYR D 147 -45.15 -26.90 -3.65
N THR D 148 -45.73 -27.98 -3.10
CA THR D 148 -45.64 -28.22 -1.65
C THR D 148 -45.25 -29.65 -1.27
N GLY D 149 -45.22 -30.55 -2.26
CA GLY D 149 -44.86 -31.94 -2.05
C GLY D 149 -45.41 -32.83 -3.17
N GLY D 150 -45.00 -34.10 -3.18
CA GLY D 150 -45.50 -35.04 -4.19
C GLY D 150 -44.68 -35.09 -5.47
N VAL D 151 -45.02 -36.02 -6.35
CA VAL D 151 -44.35 -36.10 -7.64
C VAL D 151 -45.06 -35.29 -8.74
N MET D 152 -44.41 -34.22 -9.20
CA MET D 152 -44.99 -33.36 -10.23
C MET D 152 -45.04 -34.06 -11.61
N THR D 153 -46.23 -34.06 -12.22
CA THR D 153 -46.48 -34.80 -13.46
C THR D 153 -47.01 -33.94 -14.62
N SER D 154 -47.37 -32.69 -14.32
CA SER D 154 -47.88 -31.76 -15.33
C SER D 154 -47.11 -30.46 -15.28
N CYS D 155 -45.79 -30.57 -15.35
CA CYS D 155 -44.92 -29.41 -15.35
C CYS D 155 -45.04 -28.61 -16.64
N VAL D 156 -45.13 -27.28 -16.51
CA VAL D 156 -45.05 -26.40 -17.65
C VAL D 156 -43.66 -26.48 -18.29
N SER D 157 -43.60 -26.92 -19.56
CA SER D 157 -42.31 -27.21 -20.22
C SER D 157 -42.09 -26.39 -21.50
N GLU D 158 -41.88 -25.09 -21.36
CA GLU D 158 -41.81 -24.17 -22.50
C GLU D 158 -40.43 -23.52 -22.66
N GLN D 159 -39.86 -23.02 -21.57
CA GLN D 159 -38.55 -22.35 -21.64
C GLN D 159 -37.71 -22.59 -20.39
N LEU D 160 -36.43 -22.91 -20.61
CA LEU D 160 -35.48 -23.05 -19.52
C LEU D 160 -35.32 -21.66 -18.89
N ASP D 161 -35.63 -21.52 -17.61
CA ASP D 161 -35.55 -20.23 -16.94
C ASP D 161 -34.99 -20.35 -15.53
N HIS D 162 -34.64 -21.58 -15.15
CA HIS D 162 -34.23 -21.89 -13.79
C HIS D 162 -33.15 -22.97 -13.73
N GLY D 163 -32.13 -22.74 -12.90
CA GLY D 163 -31.06 -23.71 -12.69
C GLY D 163 -31.18 -24.43 -11.36
N VAL D 164 -31.09 -25.76 -11.39
CA VAL D 164 -31.21 -26.59 -10.18
C VAL D 164 -30.24 -27.76 -10.24
N LEU D 165 -30.32 -28.66 -9.27
CA LEU D 165 -29.37 -29.78 -9.15
C LEU D 165 -30.09 -31.13 -9.06
N LEU D 166 -29.79 -32.03 -9.99
CA LEU D 166 -30.27 -33.41 -9.91
C LEU D 166 -29.46 -34.22 -8.87
N VAL D 167 -30.08 -34.70 -7.80
CA VAL D 167 -29.28 -35.42 -6.82
C VAL D 167 -29.59 -36.91 -6.80
N GLY D 168 -30.59 -37.32 -7.57
CA GLY D 168 -30.92 -38.72 -7.63
C GLY D 168 -32.20 -39.02 -8.37
N TYR D 169 -32.57 -40.29 -8.42
CA TYR D 169 -33.77 -40.75 -9.11
C TYR D 169 -34.25 -42.07 -8.51
N ASN D 170 -35.51 -42.38 -8.79
CA ASN D 170 -36.12 -43.63 -8.39
C ASN D 170 -36.93 -44.19 -9.54
N ASP D 171 -36.40 -45.25 -10.17
CA ASP D 171 -37.06 -45.89 -11.30
C ASP D 171 -37.99 -47.03 -10.89
N SER D 172 -37.87 -47.46 -9.62
CA SER D 172 -38.62 -48.61 -9.12
C SER D 172 -40.02 -48.22 -8.66
N ALA D 173 -40.20 -46.95 -8.30
CA ALA D 173 -41.49 -46.47 -7.84
C ALA D 173 -42.55 -46.61 -8.95
N ALA D 174 -43.83 -46.54 -8.57
CA ALA D 174 -44.92 -46.65 -9.53
C ALA D 174 -44.75 -45.64 -10.66
N VAL D 175 -44.64 -44.36 -10.29
CA VAL D 175 -44.27 -43.34 -11.25
C VAL D 175 -42.82 -42.88 -10.96
N PRO D 176 -41.88 -43.28 -11.82
CA PRO D 176 -40.46 -42.92 -11.65
C PRO D 176 -40.23 -41.42 -11.60
N TYR D 177 -39.30 -40.99 -10.76
CA TYR D 177 -39.08 -39.57 -10.57
C TYR D 177 -37.61 -39.22 -10.41
N TRP D 178 -37.30 -37.95 -10.69
CA TRP D 178 -36.03 -37.34 -10.33
C TRP D 178 -36.11 -36.70 -8.95
N ILE D 179 -34.97 -36.59 -8.27
CA ILE D 179 -34.88 -35.85 -7.02
C ILE D 179 -34.00 -34.63 -7.26
N ILE D 180 -34.57 -33.45 -7.04
CA ILE D 180 -33.94 -32.19 -7.44
C ILE D 180 -33.79 -31.21 -6.27
N LYS D 181 -32.58 -30.71 -6.07
CA LYS D 181 -32.29 -29.69 -5.07
C LYS D 181 -32.53 -28.28 -5.61
N ASN D 182 -33.39 -27.53 -4.91
CA ASN D 182 -33.63 -26.15 -5.25
C ASN D 182 -32.96 -25.21 -4.25
N SER D 183 -32.97 -23.91 -4.56
CA SER D 183 -32.32 -22.89 -3.73
C SER D 183 -33.29 -21.82 -3.20
N TRP D 184 -34.45 -22.28 -2.70
CA TRP D 184 -35.51 -21.40 -2.18
C TRP D 184 -35.84 -21.72 -0.72
N THR D 185 -34.82 -21.91 0.10
CA THR D 185 -34.94 -22.33 1.52
C THR D 185 -35.60 -23.70 1.66
N THR D 186 -35.63 -24.19 2.90
CA THR D 186 -36.21 -25.51 3.17
C THR D 186 -37.73 -25.41 3.37
N GLN D 187 -38.27 -24.21 3.32
CA GLN D 187 -39.71 -23.99 3.53
C GLN D 187 -40.50 -24.27 2.26
N TRP D 188 -39.81 -24.22 1.13
CA TRP D 188 -40.42 -24.54 -0.16
C TRP D 188 -40.28 -26.03 -0.41
N GLY D 189 -41.27 -26.59 -1.11
CA GLY D 189 -41.27 -28.00 -1.48
C GLY D 189 -41.14 -28.98 -0.32
N GLU D 190 -40.50 -30.11 -0.61
CA GLU D 190 -40.23 -31.14 0.37
C GLU D 190 -38.88 -30.88 0.99
N GLU D 191 -38.86 -30.02 2.00
CA GLU D 191 -37.61 -29.63 2.68
C GLU D 191 -36.59 -29.03 1.71
N GLY D 192 -37.09 -28.27 0.73
CA GLY D 192 -36.24 -27.62 -0.25
C GLY D 192 -36.04 -28.41 -1.53
N TYR D 193 -36.59 -29.61 -1.57
CA TYR D 193 -36.45 -30.45 -2.75
C TYR D 193 -37.77 -30.65 -3.46
N ILE D 194 -37.67 -31.10 -4.71
CA ILE D 194 -38.84 -31.43 -5.49
C ILE D 194 -38.54 -32.72 -6.26
N ARG D 195 -39.58 -33.52 -6.43
CA ARG D 195 -39.54 -34.71 -7.25
C ARG D 195 -40.40 -34.46 -8.48
N ILE D 196 -39.82 -34.57 -9.66
CA ILE D 196 -40.58 -34.43 -10.89
C ILE D 196 -40.51 -35.76 -11.65
N ALA D 197 -41.52 -36.02 -12.47
CA ALA D 197 -41.59 -37.31 -13.16
C ALA D 197 -40.40 -37.55 -14.07
N LYS D 198 -39.97 -38.81 -14.13
CA LYS D 198 -38.82 -39.20 -14.91
C LYS D 198 -39.27 -40.02 -16.12
N GLY D 199 -38.79 -39.63 -17.30
CA GLY D 199 -39.08 -40.35 -18.53
C GLY D 199 -39.93 -39.60 -19.53
N SER D 200 -40.31 -38.36 -19.20
CA SER D 200 -41.18 -37.58 -20.07
C SER D 200 -40.70 -36.14 -20.28
N ASN D 201 -39.43 -35.87 -19.96
CA ASN D 201 -38.85 -34.53 -20.10
C ASN D 201 -39.65 -33.45 -19.35
N GLN D 202 -40.18 -33.81 -18.19
CA GLN D 202 -40.86 -32.87 -17.32
C GLN D 202 -39.97 -31.67 -17.04
N CYS D 203 -40.54 -30.48 -17.25
CA CYS D 203 -39.85 -29.19 -17.03
C CYS D 203 -38.61 -29.06 -17.90
N LEU D 204 -38.57 -29.83 -18.99
CA LEU D 204 -37.45 -29.82 -19.93
C LEU D 204 -36.13 -30.21 -19.26
N VAL D 205 -36.22 -31.16 -18.33
CA VAL D 205 -35.14 -31.51 -17.44
C VAL D 205 -33.89 -32.08 -18.16
N LYS D 206 -34.06 -32.62 -19.37
CA LYS D 206 -32.94 -33.23 -20.12
C LYS D 206 -32.15 -32.26 -21.04
N GLU D 207 -32.62 -31.03 -21.18
CA GLU D 207 -32.10 -30.17 -22.23
C GLU D 207 -30.69 -29.58 -21.99
N GLU D 208 -30.36 -29.28 -20.74
CA GLU D 208 -29.08 -28.61 -20.50
C GLU D 208 -28.40 -29.14 -19.24
N ALA D 209 -27.99 -30.40 -19.29
CA ALA D 209 -27.40 -31.06 -18.13
C ALA D 209 -25.87 -31.08 -18.25
N SER D 210 -25.21 -30.64 -17.19
CA SER D 210 -23.76 -30.60 -17.19
C SER D 210 -23.19 -30.70 -15.78
N SER D 211 -21.88 -30.86 -15.70
CA SER D 211 -21.22 -31.02 -14.42
C SER D 211 -19.77 -30.59 -14.45
N ALA D 212 -19.29 -30.07 -13.33
CA ALA D 212 -17.87 -29.79 -13.21
C ALA D 212 -17.09 -31.09 -13.20
N VAL D 213 -15.85 -31.01 -13.67
CA VAL D 213 -14.92 -32.13 -13.62
C VAL D 213 -13.86 -31.68 -12.64
N VAL D 214 -13.65 -32.48 -11.63
CA VAL D 214 -12.75 -32.10 -10.55
C VAL D 214 -11.31 -32.43 -10.87
N GLY D 215 -10.41 -31.58 -10.41
CA GLY D 215 -8.98 -31.86 -10.51
C GLY D 215 -8.21 -31.45 -9.27
N ALA E 1 1.62 15.54 37.87
CA ALA E 1 1.99 15.09 36.53
C ALA E 1 0.75 14.97 35.64
N PRO E 2 0.79 15.64 34.47
CA PRO E 2 -0.28 15.65 33.46
C PRO E 2 -0.66 14.24 33.04
N ALA E 3 -1.83 14.09 32.43
CA ALA E 3 -2.29 12.76 32.06
C ALA E 3 -1.50 12.22 30.88
N ALA E 4 -1.00 13.13 30.04
CA ALA E 4 -0.27 12.76 28.84
C ALA E 4 0.72 13.85 28.47
N VAL E 5 1.89 13.41 28.03
CA VAL E 5 2.97 14.29 27.65
C VAL E 5 3.61 13.76 26.40
N ASP E 6 3.88 14.63 25.43
CA ASP E 6 4.63 14.25 24.25
C ASP E 6 5.52 15.41 23.85
N TRP E 7 6.81 15.28 24.14
CA TRP E 7 7.71 16.41 23.88
C TRP E 7 7.93 16.72 22.40
N ARG E 8 7.46 15.84 21.52
CA ARG E 8 7.51 16.11 20.07
C ARG E 8 6.57 17.28 19.72
N ALA E 9 5.42 17.32 20.37
CA ALA E 9 4.42 18.37 20.13
C ALA E 9 4.89 19.75 20.61
N ARG E 10 5.94 19.76 21.43
CA ARG E 10 6.48 20.99 21.97
C ARG E 10 7.69 21.46 21.16
N GLY E 11 7.98 20.75 20.07
CA GLY E 11 9.07 21.11 19.17
C GLY E 11 10.43 20.87 19.77
N ALA E 12 10.48 19.90 20.69
CA ALA E 12 11.67 19.66 21.49
C ALA E 12 12.53 18.49 21.04
N VAL E 13 12.04 17.72 20.07
CA VAL E 13 12.70 16.49 19.66
C VAL E 13 13.13 16.55 18.20
N THR E 14 14.38 16.16 17.96
CA THR E 14 14.92 16.11 16.61
C THR E 14 14.43 14.87 15.85
N ALA E 15 14.73 14.80 14.56
CA ALA E 15 14.36 13.66 13.74
C ALA E 15 15.03 12.36 14.19
N VAL E 16 14.39 11.23 13.85
CA VAL E 16 14.95 9.90 14.12
C VAL E 16 16.20 9.67 13.28
N LYS E 17 17.21 9.05 13.88
CA LYS E 17 18.48 8.82 13.19
C LYS E 17 18.74 7.34 12.91
N ASP E 18 19.90 7.07 12.32
CA ASP E 18 20.27 5.70 11.96
C ASP E 18 21.65 5.39 12.47
N GLN E 19 21.70 4.58 13.53
CA GLN E 19 22.96 4.18 14.12
C GLN E 19 23.68 3.23 13.18
N GLY E 20 22.91 2.63 12.29
CA GLY E 20 23.44 1.71 11.31
C GLY E 20 23.93 0.42 11.93
N GLN E 21 25.02 -0.11 11.36
CA GLN E 21 25.58 -1.36 11.83
C GLN E 21 26.70 -1.11 12.83
N CYS E 22 26.35 -0.41 13.90
CA CYS E 22 27.30 -0.02 14.92
C CYS E 22 26.58 -0.08 16.25
N GLY E 23 27.25 -0.59 17.28
CA GLY E 23 26.66 -0.62 18.61
C GLY E 23 26.79 0.71 19.32
N SER E 24 26.29 1.77 18.69
CA SER E 24 26.43 3.11 19.23
C SER E 24 25.11 3.61 19.79
N CYS E 25 24.17 2.70 20.04
CA CYS E 25 22.87 3.08 20.59
C CYS E 25 23.03 3.92 21.86
N TRP E 26 24.03 3.59 22.68
CA TRP E 26 24.25 4.32 23.93
C TRP E 26 24.51 5.81 23.68
N ALA E 27 25.19 6.12 22.58
CA ALA E 27 25.55 7.50 22.25
C ALA E 27 24.39 8.29 21.64
N PHE E 28 23.55 7.62 20.87
CA PHE E 28 22.37 8.24 20.29
C PHE E 28 21.36 8.57 21.38
N SER E 29 21.27 7.66 22.35
CA SER E 29 20.43 7.84 23.51
C SER E 29 20.94 9.03 24.31
N ALA E 30 22.25 9.07 24.55
CA ALA E 30 22.80 10.15 25.35
C ALA E 30 22.71 11.49 24.62
N ILE E 31 23.06 11.50 23.33
CA ILE E 31 23.04 12.73 22.55
C ILE E 31 21.59 13.18 22.33
N GLY E 32 20.69 12.23 22.10
CA GLY E 32 19.28 12.57 21.96
C GLY E 32 18.75 13.25 23.20
N ASN E 33 19.15 12.74 24.35
CA ASN E 33 18.79 13.38 25.61
C ASN E 33 19.38 14.79 25.72
N VAL E 34 20.63 14.96 25.30
CA VAL E 34 21.28 16.27 25.41
C VAL E 34 20.59 17.32 24.49
N GLU E 35 20.20 16.87 23.29
CA GLU E 35 19.51 17.72 22.33
C GLU E 35 18.24 18.35 22.91
N CYS E 36 17.43 17.53 23.57
CA CYS E 36 16.19 18.02 24.13
C CYS E 36 16.44 18.98 25.30
N GLN E 37 17.40 18.64 26.16
CA GLN E 37 17.73 19.47 27.31
C GLN E 37 18.23 20.83 26.88
N TRP E 38 19.05 20.84 25.84
CA TRP E 38 19.58 22.09 25.31
C TRP E 38 18.47 22.97 24.80
N PHE E 39 17.53 22.36 24.09
CA PHE E 39 16.35 23.09 23.65
C PHE E 39 15.56 23.60 24.85
N LEU E 40 15.33 22.74 25.83
CA LEU E 40 14.51 23.13 26.97
C LEU E 40 15.22 24.15 27.86
N ALA E 41 16.50 24.34 27.64
CA ALA E 41 17.26 25.35 28.35
C ALA E 41 17.09 26.73 27.71
N GLY E 42 16.38 26.80 26.59
CA GLY E 42 16.11 28.07 25.98
C GLY E 42 16.96 28.32 24.75
N HIS E 43 17.43 27.25 24.13
CA HIS E 43 18.26 27.32 22.93
C HIS E 43 17.56 26.72 21.71
N PRO E 44 18.01 27.10 20.51
CA PRO E 44 17.42 26.53 19.29
C PRO E 44 17.66 25.02 19.26
N LEU E 45 16.72 24.27 18.72
CA LEU E 45 16.89 22.84 18.60
C LEU E 45 17.99 22.53 17.61
N THR E 46 18.98 21.77 18.06
CA THR E 46 20.19 21.53 17.30
C THR E 46 20.53 20.03 17.29
N ASN E 47 20.86 19.47 16.13
CA ASN E 47 21.37 18.10 16.07
C ASN E 47 22.78 18.04 16.60
N LEU E 48 23.03 17.11 17.53
CA LEU E 48 24.34 17.01 18.16
C LEU E 48 25.09 15.74 17.71
N SER E 49 26.39 15.71 18.00
CA SER E 49 27.24 14.69 17.39
C SER E 49 27.40 13.42 18.21
N GLU E 50 26.80 12.34 17.71
CA GLU E 50 27.03 11.01 18.25
C GLU E 50 28.46 10.56 17.96
N GLN E 51 28.98 10.96 16.80
CA GLN E 51 30.32 10.57 16.40
C GLN E 51 31.36 11.04 17.41
N MET E 52 31.11 12.21 18.02
CA MET E 52 32.00 12.72 19.06
C MET E 52 32.19 11.70 20.17
N LEU E 53 31.10 11.09 20.61
CA LEU E 53 31.16 10.07 21.65
C LEU E 53 31.75 8.75 21.12
N VAL E 54 31.35 8.32 19.94
CA VAL E 54 31.84 7.06 19.38
C VAL E 54 33.36 7.07 19.13
N SER E 55 33.88 8.23 18.71
CA SER E 55 35.29 8.37 18.38
C SER E 55 36.16 8.85 19.54
N CYS E 56 35.65 9.78 20.35
CA CYS E 56 36.49 10.49 21.30
C CYS E 56 36.35 10.03 22.74
N ASP E 57 35.26 9.34 23.06
CA ASP E 57 34.98 8.94 24.42
C ASP E 57 35.64 7.60 24.70
N LYS E 58 36.73 7.65 25.45
CA LYS E 58 37.56 6.46 25.73
C LYS E 58 37.05 5.64 26.92
N THR E 59 36.10 6.19 27.67
CA THR E 59 35.49 5.47 28.80
C THR E 59 34.54 4.37 28.30
N ASP E 60 34.02 4.53 27.09
CA ASP E 60 33.18 3.51 26.47
C ASP E 60 33.93 2.85 25.31
N SER E 61 33.23 1.99 24.57
CA SER E 61 33.88 1.17 23.57
C SER E 61 33.35 1.41 22.16
N GLY E 62 33.07 2.67 21.84
CA GLY E 62 32.66 3.04 20.48
C GLY E 62 31.54 2.15 19.95
N CYS E 63 31.82 1.50 18.82
CA CYS E 63 30.84 0.64 18.16
C CYS E 63 30.64 -0.68 18.89
N SER E 64 31.40 -0.90 19.96
CA SER E 64 31.33 -2.14 20.73
C SER E 64 30.38 -2.01 21.91
N GLY E 65 29.85 -0.81 22.13
CA GLY E 65 28.88 -0.61 23.19
C GLY E 65 29.28 0.43 24.22
N GLY E 66 28.39 0.71 25.15
CA GLY E 66 28.64 1.70 26.17
C GLY E 66 27.46 1.97 27.10
N LEU E 67 27.64 2.95 27.99
CA LEU E 67 26.57 3.41 28.89
C LEU E 67 26.37 4.91 28.75
N MET E 68 25.10 5.33 28.74
CA MET E 68 24.74 6.73 28.64
C MET E 68 25.35 7.51 29.81
N ASN E 69 25.36 6.89 30.99
CA ASN E 69 25.96 7.55 32.14
C ASN E 69 27.44 7.81 31.95
N ASN E 70 28.15 6.86 31.32
CA ASN E 70 29.57 7.04 30.99
C ASN E 70 29.77 8.16 29.97
N ALA E 71 28.88 8.23 28.98
CA ALA E 71 28.95 9.28 27.98
C ALA E 71 28.81 10.66 28.62
N PHE E 72 27.86 10.77 29.56
CA PHE E 72 27.61 12.04 30.24
C PHE E 72 28.80 12.54 31.04
N GLU E 73 29.48 11.60 31.69
CA GLU E 73 30.62 11.94 32.51
C GLU E 73 31.80 12.40 31.66
N TRP E 74 32.01 11.70 30.56
CA TRP E 74 33.10 12.02 29.65
C TRP E 74 32.94 13.42 29.06
N ILE E 75 31.71 13.77 28.70
CA ILE E 75 31.44 15.09 28.16
C ILE E 75 31.81 16.16 29.19
N VAL E 76 31.51 15.90 30.46
CA VAL E 76 31.73 16.91 31.49
C VAL E 76 33.19 16.95 31.98
N GLN E 77 33.77 15.78 32.18
CA GLN E 77 35.11 15.69 32.75
C GLN E 77 36.24 15.65 31.72
N GLU E 78 35.97 15.20 30.51
CA GLU E 78 37.03 15.09 29.51
C GLU E 78 36.86 16.10 28.39
N ASN E 79 35.66 16.67 28.26
CA ASN E 79 35.38 17.56 27.15
C ASN E 79 34.82 18.92 27.57
N ASN E 80 34.98 19.28 28.84
CA ASN E 80 34.53 20.59 29.35
C ASN E 80 33.04 20.86 29.15
N GLY E 81 32.24 19.79 29.13
CA GLY E 81 30.80 19.89 28.97
C GLY E 81 30.38 20.16 27.53
N ALA E 82 31.35 20.12 26.63
CA ALA E 82 31.09 20.47 25.25
C ALA E 82 30.57 19.30 24.44
N VAL E 83 29.52 19.57 23.68
CA VAL E 83 29.00 18.61 22.72
C VAL E 83 28.96 19.28 21.34
N TYR E 84 29.66 18.69 20.38
CA TYR E 84 29.75 19.27 19.04
C TYR E 84 28.47 19.08 18.24
N THR E 85 28.25 19.95 17.24
CA THR E 85 27.11 19.75 16.34
C THR E 85 27.34 18.59 15.37
N GLU E 86 26.25 17.92 15.02
CA GLU E 86 26.34 16.85 14.03
C GLU E 86 26.78 17.45 12.72
N ASP E 87 26.39 18.70 12.50
CA ASP E 87 26.71 19.48 11.31
C ASP E 87 28.22 19.64 11.10
N SER E 88 28.95 19.85 12.19
CA SER E 88 30.39 20.06 12.13
C SER E 88 31.18 18.79 12.53
N TYR E 89 30.46 17.75 12.91
CA TYR E 89 31.07 16.46 13.26
C TYR E 89 30.11 15.34 12.91
N PRO E 90 29.89 15.09 11.61
CA PRO E 90 28.85 14.14 11.16
C PRO E 90 29.13 12.69 11.49
N TYR E 91 28.08 11.89 11.44
CA TYR E 91 28.16 10.48 11.78
C TYR E 91 28.87 9.71 10.70
N ALA E 92 29.80 8.84 11.08
CA ALA E 92 30.62 8.14 10.10
C ALA E 92 30.84 6.66 10.42
N SER E 93 30.06 6.15 11.36
CA SER E 93 30.23 4.78 11.84
C SER E 93 29.09 3.88 11.35
N GLY E 94 28.41 4.32 10.30
CA GLY E 94 27.29 3.57 9.77
C GLY E 94 27.60 2.15 9.30
N GLU E 95 28.86 1.92 8.91
CA GLU E 95 29.27 0.63 8.38
C GLU E 95 29.97 -0.25 9.42
N GLY E 96 30.15 0.28 10.63
CA GLY E 96 30.69 -0.51 11.73
C GLY E 96 32.11 -0.21 12.14
N ILE E 97 32.76 0.69 11.42
CA ILE E 97 34.13 1.08 11.73
C ILE E 97 34.20 2.54 12.18
N SER E 98 34.73 2.79 13.37
CA SER E 98 34.78 4.14 13.89
C SER E 98 36.13 4.82 13.65
N PRO E 99 36.12 5.99 12.98
CA PRO E 99 37.27 6.89 12.83
C PRO E 99 37.81 7.32 14.21
N PRO E 100 39.04 7.86 14.25
CA PRO E 100 39.63 8.34 15.51
C PRO E 100 39.24 9.78 15.88
N CYS E 101 39.47 10.13 17.14
CA CYS E 101 39.05 11.41 17.67
C CYS E 101 39.74 12.57 16.96
N THR E 102 38.96 13.57 16.56
CA THR E 102 39.56 14.81 16.07
C THR E 102 39.09 15.96 16.97
N THR E 103 39.89 17.02 17.07
CA THR E 103 39.62 18.13 17.98
C THR E 103 39.87 19.43 17.25
N SER E 104 39.74 19.34 15.93
CA SER E 104 39.99 20.46 15.06
C SER E 104 38.81 20.73 14.13
N GLY E 105 38.35 21.99 14.15
CA GLY E 105 37.36 22.51 13.22
C GLY E 105 35.89 22.23 13.53
N HIS E 106 35.64 21.51 14.63
CA HIS E 106 34.29 21.23 15.06
C HIS E 106 33.64 22.46 15.70
N THR E 107 32.32 22.53 15.64
CA THR E 107 31.59 23.61 16.28
C THR E 107 30.88 23.07 17.55
N VAL E 108 31.07 23.76 18.67
CA VAL E 108 30.38 23.41 19.91
C VAL E 108 28.92 23.76 19.79
N GLY E 109 28.05 22.76 19.83
CA GLY E 109 26.62 22.99 19.69
C GLY E 109 25.78 23.06 20.96
N ALA E 110 26.32 22.58 22.08
CA ALA E 110 25.64 22.58 23.37
C ALA E 110 26.63 22.29 24.49
N THR E 111 26.34 22.79 25.68
CA THR E 111 27.18 22.59 26.85
C THR E 111 26.39 22.06 28.04
N ILE E 112 26.83 20.95 28.62
CA ILE E 112 26.18 20.40 29.81
C ILE E 112 27.09 20.47 31.04
N THR E 113 26.49 20.44 32.22
CA THR E 113 27.23 20.56 33.49
C THR E 113 27.24 19.31 34.34
N GLY E 114 26.47 18.29 33.95
CA GLY E 114 26.42 17.05 34.69
C GLY E 114 25.29 16.17 34.22
N HIS E 115 24.93 15.19 35.05
CA HIS E 115 23.78 14.35 34.72
C HIS E 115 23.18 13.81 36.00
N VAL E 116 21.92 13.42 35.94
CA VAL E 116 21.25 12.82 37.10
C VAL E 116 20.74 11.45 36.72
N GLU E 117 20.65 10.57 37.72
CA GLU E 117 20.02 9.28 37.55
C GLU E 117 18.64 9.31 38.19
N LEU E 118 17.71 8.55 37.63
CA LEU E 118 16.34 8.49 38.16
C LEU E 118 16.11 7.14 38.82
N PRO E 119 15.24 7.08 39.83
CA PRO E 119 14.91 5.84 40.55
C PRO E 119 14.30 4.78 39.65
N GLN E 120 14.33 3.53 40.09
CA GLN E 120 13.72 2.46 39.32
C GLN E 120 12.22 2.41 39.61
N ASP E 121 11.52 3.43 39.14
CA ASP E 121 10.12 3.67 39.46
C ASP E 121 9.49 4.48 38.32
N GLU E 122 8.63 3.83 37.53
CA GLU E 122 8.03 4.44 36.34
C GLU E 122 7.26 5.70 36.68
N ALA E 123 6.65 5.71 37.85
CA ALA E 123 5.82 6.85 38.22
C ALA E 123 6.69 8.08 38.49
N GLN E 124 7.90 7.83 39.01
CA GLN E 124 8.87 8.87 39.33
C GLN E 124 9.65 9.33 38.12
N ILE E 125 9.88 8.39 37.20
CA ILE E 125 10.48 8.76 35.93
C ILE E 125 9.52 9.64 35.15
N ALA E 126 8.25 9.26 35.18
CA ALA E 126 7.24 10.00 34.47
C ALA E 126 7.09 11.40 35.04
N ALA E 127 7.16 11.54 36.36
CA ALA E 127 7.01 12.86 36.97
C ALA E 127 8.13 13.79 36.54
N TRP E 128 9.34 13.22 36.49
CA TRP E 128 10.52 13.92 36.03
C TRP E 128 10.41 14.25 34.54
N LEU E 129 9.97 13.27 33.76
CA LEU E 129 9.91 13.47 32.33
C LEU E 129 8.95 14.60 31.99
N ALA E 130 7.88 14.71 32.76
CA ALA E 130 6.86 15.73 32.52
C ALA E 130 7.36 17.16 32.76
N VAL E 131 8.30 17.31 33.70
CA VAL E 131 8.81 18.63 34.06
C VAL E 131 10.04 18.98 33.25
N ASN E 132 10.91 18.00 33.06
CA ASN E 132 12.26 18.32 32.62
C ASN E 132 12.65 17.81 31.23
N GLY E 133 11.77 17.07 30.58
CA GLY E 133 12.02 16.68 29.21
C GLY E 133 12.38 15.23 29.07
N PRO E 134 12.72 14.81 27.83
CA PRO E 134 13.05 13.42 27.49
C PRO E 134 14.18 12.81 28.30
N VAL E 135 14.03 11.51 28.58
CA VAL E 135 14.90 10.76 29.45
C VAL E 135 15.62 9.63 28.72
N ALA E 136 16.93 9.52 28.92
CA ALA E 136 17.66 8.36 28.39
C ALA E 136 17.37 7.12 29.28
N VAL E 137 16.95 6.02 28.65
CA VAL E 137 16.68 4.77 29.35
C VAL E 137 17.31 3.58 28.63
N ALA E 138 17.62 2.53 29.38
CA ALA E 138 18.08 1.28 28.77
C ALA E 138 16.93 0.27 28.74
N VAL E 139 16.82 -0.48 27.66
CA VAL E 139 15.78 -1.48 27.56
C VAL E 139 16.34 -2.80 27.04
N ASP E 140 15.56 -3.86 27.27
CA ASP E 140 15.75 -5.11 26.56
C ASP E 140 14.97 -4.98 25.25
N ALA E 141 15.69 -4.94 24.13
CA ALA E 141 15.05 -4.67 22.84
C ALA E 141 15.03 -5.90 21.96
N SER E 142 15.12 -7.08 22.57
CA SER E 142 15.20 -8.31 21.82
C SER E 142 13.89 -8.64 21.10
N SER E 143 12.77 -8.14 21.62
CA SER E 143 11.48 -8.42 20.97
C SER E 143 10.99 -7.25 20.16
N TRP E 144 11.92 -6.35 19.81
CA TRP E 144 11.59 -5.12 19.10
C TRP E 144 11.81 -5.28 17.61
N MET E 145 12.52 -6.34 17.26
CA MET E 145 12.94 -6.56 15.88
C MET E 145 11.75 -6.81 14.97
N THR E 146 10.68 -7.33 15.57
CA THR E 146 9.46 -7.75 14.87
C THR E 146 8.33 -6.72 14.98
N TYR E 147 8.61 -5.62 15.65
CA TYR E 147 7.62 -4.58 15.94
C TYR E 147 7.17 -3.83 14.68
N THR E 148 5.87 -3.59 14.55
CA THR E 148 5.36 -2.85 13.40
C THR E 148 4.32 -1.76 13.75
N GLY E 149 3.92 -1.71 15.01
CA GLY E 149 2.97 -0.70 15.46
C GLY E 149 2.23 -1.23 16.66
N GLY E 150 1.46 -0.36 17.31
CA GLY E 150 0.67 -0.74 18.46
C GLY E 150 1.42 -0.63 19.77
N VAL E 151 0.71 -0.82 20.87
CA VAL E 151 1.31 -0.78 22.18
C VAL E 151 1.78 -2.18 22.58
N MET E 152 3.09 -2.36 22.61
CA MET E 152 3.69 -3.66 22.94
C MET E 152 3.46 -3.93 24.42
N THR E 153 2.88 -5.08 24.72
CA THR E 153 2.45 -5.37 26.10
C THR E 153 3.09 -6.62 26.67
N SER E 154 3.81 -7.36 25.85
CA SER E 154 4.50 -8.56 26.34
C SER E 154 5.95 -8.55 25.87
N CYS E 155 6.63 -7.45 26.17
CA CYS E 155 8.01 -7.31 25.81
C CYS E 155 8.87 -8.29 26.61
N VAL E 156 9.78 -8.97 25.93
CA VAL E 156 10.79 -9.81 26.56
C VAL E 156 11.70 -8.92 27.41
N SER E 157 11.70 -9.17 28.72
CA SER E 157 12.38 -8.31 29.68
C SER E 157 13.45 -9.04 30.49
N GLU E 158 14.57 -9.35 29.84
CA GLU E 158 15.58 -10.19 30.49
C GLU E 158 16.92 -9.49 30.67
N GLN E 159 17.40 -8.78 29.65
CA GLN E 159 18.69 -8.12 29.78
C GLN E 159 18.79 -6.80 29.01
N LEU E 160 19.34 -5.79 29.68
CA LEU E 160 19.57 -4.49 29.07
C LEU E 160 20.60 -4.60 27.97
N ASP E 161 20.21 -4.21 26.75
CA ASP E 161 21.09 -4.31 25.59
C ASP E 161 20.95 -3.15 24.61
N HIS E 162 20.08 -2.21 24.91
CA HIS E 162 19.77 -1.15 23.93
C HIS E 162 19.47 0.19 24.58
N GLY E 163 20.03 1.25 24.01
CA GLY E 163 19.83 2.59 24.53
C GLY E 163 18.81 3.35 23.72
N VAL E 164 17.84 3.95 24.40
CA VAL E 164 16.78 4.67 23.73
C VAL E 164 16.38 5.91 24.50
N LEU E 165 15.34 6.58 24.02
CA LEU E 165 14.89 7.87 24.60
C LEU E 165 13.39 7.91 24.91
N LEU E 166 13.04 8.16 26.17
CA LEU E 166 11.64 8.40 26.53
C LEU E 166 11.24 9.80 26.14
N VAL E 167 10.26 9.96 25.25
CA VAL E 167 9.89 11.32 24.83
C VAL E 167 8.50 11.71 25.30
N GLY E 168 7.80 10.77 25.92
CA GLY E 168 6.48 11.06 26.44
C GLY E 168 5.76 9.82 26.94
N TYR E 169 4.52 10.01 27.38
CA TYR E 169 3.69 8.94 27.91
C TYR E 169 2.24 9.35 27.81
N ASN E 170 1.34 8.38 27.88
CA ASN E 170 -0.09 8.63 27.87
C ASN E 170 -0.74 7.73 28.92
N ASP E 171 -1.18 8.34 30.03
CA ASP E 171 -1.78 7.58 31.12
C ASP E 171 -3.28 7.42 30.88
N SER E 172 -3.81 8.17 29.92
CA SER E 172 -5.23 8.22 29.63
C SER E 172 -5.70 7.08 28.75
N ALA E 173 -4.76 6.51 27.99
CA ALA E 173 -5.09 5.43 27.05
C ALA E 173 -5.64 4.18 27.75
N ALA E 174 -6.28 3.33 26.96
CA ALA E 174 -6.85 2.07 27.45
C ALA E 174 -5.77 1.27 28.17
N VAL E 175 -4.67 1.02 27.45
CA VAL E 175 -3.43 0.51 28.02
C VAL E 175 -2.43 1.66 27.97
N PRO E 176 -2.09 2.23 29.16
CA PRO E 176 -1.16 3.35 29.28
C PRO E 176 0.21 3.04 28.68
N TYR E 177 0.86 3.99 28.06
CA TYR E 177 2.09 3.65 27.38
C TYR E 177 3.16 4.71 27.46
N TRP E 178 4.40 4.25 27.26
CA TRP E 178 5.53 5.12 27.02
C TRP E 178 5.66 5.39 25.53
N ILE E 179 6.25 6.53 25.18
CA ILE E 179 6.58 6.83 23.81
C ILE E 179 8.09 6.87 23.71
N ILE E 180 8.66 6.01 22.86
CA ILE E 180 10.11 5.87 22.85
C ILE E 180 10.73 6.09 21.48
N LYS E 181 11.72 6.98 21.45
CA LYS E 181 12.46 7.24 20.24
C LYS E 181 13.62 6.25 20.09
N ASN E 182 13.63 5.55 18.96
CA ASN E 182 14.70 4.60 18.64
C ASN E 182 15.70 5.20 17.63
N SER E 183 16.78 4.47 17.33
CA SER E 183 17.78 4.94 16.36
C SER E 183 17.94 3.97 15.17
N TRP E 184 16.81 3.53 14.62
CA TRP E 184 16.79 2.59 13.50
C TRP E 184 16.07 3.17 12.30
N THR E 185 16.34 4.43 11.97
CA THR E 185 15.62 5.16 10.91
C THR E 185 14.11 5.27 11.13
N THR E 186 13.45 6.06 10.29
CA THR E 186 12.00 6.26 10.40
C THR E 186 11.27 5.09 9.76
N GLN E 187 12.04 4.15 9.22
CA GLN E 187 11.47 3.01 8.52
C GLN E 187 10.97 1.96 9.51
N TRP E 188 11.53 1.97 10.72
CA TRP E 188 11.13 1.02 11.76
C TRP E 188 9.99 1.54 12.64
N GLY E 189 9.13 0.64 13.08
CA GLY E 189 8.04 1.00 13.97
C GLY E 189 7.13 2.12 13.49
N GLU E 190 6.65 2.91 14.43
CA GLU E 190 5.79 4.07 14.19
C GLU E 190 6.63 5.35 13.97
N GLU E 191 7.03 5.57 12.72
CA GLU E 191 7.86 6.72 12.33
C GLU E 191 9.16 6.75 13.12
N GLY E 192 9.70 5.58 13.41
CA GLY E 192 10.94 5.51 14.17
C GLY E 192 10.68 5.38 15.66
N TYR E 193 9.41 5.35 16.06
CA TYR E 193 9.06 5.23 17.47
C TYR E 193 8.37 3.93 17.81
N ILE E 194 8.32 3.65 19.09
CA ILE E 194 7.60 2.50 19.62
C ILE E 194 6.87 2.92 20.89
N ARG E 195 5.67 2.37 21.05
CA ARG E 195 4.92 2.56 22.27
C ARG E 195 4.93 1.24 23.02
N ILE E 196 5.39 1.27 24.27
CA ILE E 196 5.34 0.08 25.13
C ILE E 196 4.45 0.38 26.33
N ALA E 197 3.81 -0.65 26.87
CA ALA E 197 2.87 -0.46 27.98
C ALA E 197 3.61 0.14 29.17
N LYS E 198 2.89 0.96 29.93
CA LYS E 198 3.46 1.69 31.06
C LYS E 198 2.93 1.18 32.40
N GLY E 199 3.85 0.88 33.32
CA GLY E 199 3.42 0.48 34.65
C GLY E 199 3.73 -0.94 35.07
N SER E 200 4.40 -1.68 34.20
CA SER E 200 4.73 -3.09 34.45
C SER E 200 6.20 -3.41 34.14
N ASN E 201 7.03 -2.38 34.07
CA ASN E 201 8.45 -2.52 33.75
C ASN E 201 8.69 -3.28 32.45
N GLN E 202 7.86 -3.03 31.45
CA GLN E 202 8.08 -3.59 30.11
C GLN E 202 9.49 -3.30 29.62
N CYS E 203 10.15 -4.34 29.13
CA CYS E 203 11.49 -4.21 28.53
C CYS E 203 12.52 -3.67 29.51
N LEU E 204 12.23 -3.82 30.80
CA LEU E 204 13.09 -3.32 31.88
C LEU E 204 13.28 -1.83 31.80
N VAL E 205 12.28 -1.11 31.33
CA VAL E 205 12.45 0.30 31.00
C VAL E 205 12.80 1.20 32.19
N LYS E 206 12.44 0.77 33.41
CA LYS E 206 12.68 1.62 34.59
C LYS E 206 14.07 1.41 35.21
N GLU E 207 14.81 0.42 34.74
CA GLU E 207 16.00 -0.06 35.44
C GLU E 207 17.19 0.91 35.37
N GLU E 208 17.35 1.62 34.27
CA GLU E 208 18.53 2.48 34.06
C GLU E 208 18.20 3.79 33.33
N ALA E 209 17.47 4.66 34.01
CA ALA E 209 17.05 5.92 33.42
C ALA E 209 17.94 7.09 33.89
N SER E 210 18.38 7.95 32.97
CA SER E 210 19.15 9.11 33.40
C SER E 210 18.97 10.27 32.43
N SER E 211 19.49 11.42 32.82
CA SER E 211 19.37 12.61 31.98
C SER E 211 20.53 13.55 32.21
N ALA E 212 20.99 14.15 31.13
CA ALA E 212 21.97 15.21 31.23
C ALA E 212 21.35 16.47 31.82
N VAL E 213 22.21 17.26 32.46
CA VAL E 213 21.84 18.55 33.03
C VAL E 213 22.51 19.69 32.28
N VAL E 214 21.74 20.64 31.77
CA VAL E 214 22.34 21.71 30.98
C VAL E 214 22.76 22.90 31.84
N GLY E 215 23.95 23.42 31.54
CA GLY E 215 24.44 24.66 32.13
C GLY E 215 25.28 25.42 31.13
#